data_8B68
#
_entry.id   8B68
#
_cell.length_a   48.036
_cell.length_b   78.433
_cell.length_c   90.289
_cell.angle_alpha   90.000
_cell.angle_beta   93.904
_cell.angle_gamma   90.000
#
_symmetry.space_group_name_H-M   'P 1 21 1'
#
loop_
_entity.id
_entity.type
_entity.pdbx_description
1 polymer 'UTP--glucose-1-phosphate uridylyltransferase'
2 non-polymer "URIDINE-5'-DIPHOSPHATE-GLUCOSE"
3 non-polymer 1,2-ETHANEDIOL
4 non-polymer DI(HYDROXYETHYL)ETHER
5 non-polymer 'THIOCYANATE ION'
6 non-polymer 'MAGNESIUM ION'
7 water water
#
_entity_poly.entity_id   1
_entity_poly.type   'polypeptide(L)'
_entity_poly.pdbx_seq_one_letter_code
;MTASAEHQTFTTAIVPAAGLGTRFLPTTKSVPKELLPVVDTPAIELVADEARQAGAERLVIVTSPAKQSIAAYFRPAPEL
ERSLEEKGKTGQLAKIRRAPELLEVEVAIQEQALGLGHAVA(CSX)AEPNLGPEDDVVAVLLPDDLVLPHGILERMAKVR
AEHGGSVLCAFDIPKEEISAYGVFDVSDTDDADVKRVHGMVEKPPAEQAPSTFAAAGRYLLDRAIFDALRRIEPGAGGEL
QLTDAVALLIQEGHPVHVVVHRGDRHDLGNPGGFLRAAVDFALQDPDYGPELRAWLTDRIARP
;
_entity_poly.pdbx_strand_id   A,B
#
loop_
_chem_comp.id
_chem_comp.type
_chem_comp.name
_chem_comp.formula
EDO non-polymer 1,2-ETHANEDIOL 'C2 H6 O2'
MG non-polymer 'MAGNESIUM ION' 'Mg 2'
PEG non-polymer DI(HYDROXYETHYL)ETHER 'C4 H10 O3'
SCN non-polymer 'THIOCYANATE ION' 'C N S -1'
UPG non-polymer URIDINE-5'-DIPHOSPHATE-GLUCOSE 'C15 H24 N2 O17 P2'
#
# COMPACT_ATOMS: atom_id res chain seq x y z
N THR A 9 -14.37 17.86 26.96
CA THR A 9 -13.57 18.39 25.83
C THR A 9 -14.28 18.07 24.51
N PHE A 10 -13.61 18.24 23.37
CA PHE A 10 -14.18 17.88 22.07
C PHE A 10 -14.59 16.41 22.06
N THR A 11 -15.62 16.08 21.28
CA THR A 11 -16.04 14.70 21.04
C THR A 11 -15.98 14.30 19.57
N THR A 12 -15.88 15.26 18.63
CA THR A 12 -15.90 14.96 17.20
C THR A 12 -14.55 15.33 16.60
N ALA A 13 -13.96 14.39 15.84
CA ALA A 13 -12.72 14.62 15.10
C ALA A 13 -13.04 14.53 13.61
N ILE A 14 -12.47 15.45 12.83
CA ILE A 14 -12.64 15.52 11.39
C ILE A 14 -11.33 15.09 10.76
N VAL A 15 -11.43 14.18 9.77
CA VAL A 15 -10.26 13.77 8.99
C VAL A 15 -10.54 14.11 7.53
N PRO A 16 -9.87 15.18 6.98
CA PRO A 16 -9.97 15.55 5.57
C PRO A 16 -9.20 14.56 4.70
N ALA A 17 -9.94 13.82 3.87
CA ALA A 17 -9.39 12.68 3.09
C ALA A 17 -9.90 12.72 1.66
N ALA A 18 -10.15 13.91 1.12
CA ALA A 18 -10.81 14.03 -0.17
C ALA A 18 -9.83 14.28 -1.33
N GLY A 19 -8.53 14.57 -1.05
CA GLY A 19 -7.55 14.74 -2.12
C GLY A 19 -7.05 13.38 -2.62
N LEU A 20 -6.46 13.35 -3.82
CA LEU A 20 -6.09 12.06 -4.45
C LEU A 20 -4.81 11.45 -3.88
N GLY A 21 -3.80 12.27 -3.62
CA GLY A 21 -2.47 11.71 -3.37
C GLY A 21 -1.79 11.45 -4.70
N THR A 22 -1.54 12.55 -5.44
CA THR A 22 -0.97 12.46 -6.77
C THR A 22 0.45 11.89 -6.71
N ARG A 23 1.19 12.06 -5.58
CA ARG A 23 2.55 11.48 -5.49
C ARG A 23 2.53 9.95 -5.42
N PHE A 24 1.34 9.34 -5.16
CA PHE A 24 1.25 7.90 -5.13
C PHE A 24 0.57 7.33 -6.37
N LEU A 25 0.42 8.14 -7.46
CA LEU A 25 -0.04 7.58 -8.72
C LEU A 25 1.02 6.65 -9.32
N PRO A 26 0.65 5.56 -9.99
CA PRO A 26 -0.75 5.25 -10.36
C PRO A 26 -1.66 4.57 -9.32
N THR A 27 -1.09 4.13 -8.21
CA THR A 27 -1.82 3.36 -7.22
C THR A 27 -3.10 4.08 -6.81
N THR A 28 -3.00 5.37 -6.47
CA THR A 28 -4.13 6.13 -5.94
C THR A 28 -5.18 6.45 -6.99
N LYS A 29 -4.98 6.08 -8.25
CA LYS A 29 -6.08 6.04 -9.20
C LYS A 29 -7.22 5.15 -8.67
N SER A 30 -6.88 4.03 -8.03
CA SER A 30 -7.82 3.02 -7.57
C SER A 30 -7.87 2.87 -6.07
N VAL A 31 -6.80 3.14 -5.32
CA VAL A 31 -6.76 2.85 -3.90
C VAL A 31 -6.77 4.20 -3.17
N PRO A 32 -7.72 4.43 -2.23
CA PRO A 32 -7.67 5.62 -1.39
C PRO A 32 -6.33 5.73 -0.69
N LYS A 33 -5.70 6.90 -0.77
CA LYS A 33 -4.45 7.15 -0.11
C LYS A 33 -4.43 6.79 1.38
N GLU A 34 -5.55 7.05 2.05
CA GLU A 34 -5.62 6.86 3.48
C GLU A 34 -5.73 5.38 3.87
N LEU A 35 -5.97 4.47 2.90
CA LEU A 35 -5.98 3.02 3.15
C LEU A 35 -4.63 2.38 2.84
N LEU A 36 -3.61 3.15 2.41
CA LEU A 36 -2.33 2.51 2.12
C LEU A 36 -1.69 2.06 3.41
N PRO A 37 -1.08 0.86 3.45
CA PRO A 37 -0.57 0.32 4.70
C PRO A 37 0.81 0.87 5.08
N VAL A 38 0.93 1.18 6.37
CA VAL A 38 2.20 1.46 7.04
C VAL A 38 2.61 0.15 7.71
N VAL A 39 3.49 -0.61 7.04
CA VAL A 39 3.74 -2.03 7.34
C VAL A 39 2.50 -2.86 6.99
N ASP A 40 1.50 -2.92 7.88
CA ASP A 40 0.29 -3.70 7.66
C ASP A 40 -0.99 -2.94 8.03
N THR A 41 -0.91 -1.62 8.37
CA THR A 41 -2.01 -0.91 9.00
C THR A 41 -2.23 0.38 8.24
N PRO A 42 -3.46 0.68 7.76
CA PRO A 42 -3.72 1.89 7.00
C PRO A 42 -3.61 3.12 7.87
N ALA A 43 -3.07 4.21 7.26
CA ALA A 43 -2.94 5.47 7.94
C ALA A 43 -4.24 5.91 8.62
N ILE A 44 -5.40 5.73 7.97
CA ILE A 44 -6.66 6.13 8.53
C ILE A 44 -6.92 5.46 9.89
N GLU A 45 -6.48 4.20 10.06
CA GLU A 45 -6.60 3.58 11.39
C GLU A 45 -5.68 4.25 12.42
N LEU A 46 -4.45 4.59 12.02
CA LEU A 46 -3.49 5.25 12.91
C LEU A 46 -4.04 6.60 13.42
N VAL A 47 -4.66 7.39 12.53
CA VAL A 47 -5.16 8.69 12.97
CA VAL A 47 -5.20 8.69 12.90
C VAL A 47 -6.48 8.54 13.75
N ALA A 48 -7.33 7.54 13.42
CA ALA A 48 -8.56 7.28 14.19
C ALA A 48 -8.20 6.86 15.62
N ASP A 49 -7.13 6.06 15.74
CA ASP A 49 -6.71 5.58 17.05
C ASP A 49 -6.21 6.76 17.90
N GLU A 50 -5.40 7.62 17.32
CA GLU A 50 -4.96 8.86 17.95
C GLU A 50 -6.15 9.69 18.41
N ALA A 51 -7.15 9.88 17.52
CA ALA A 51 -8.31 10.68 17.90
C ALA A 51 -9.06 10.07 19.09
N ARG A 52 -9.28 8.74 19.04
CA ARG A 52 -9.95 8.02 20.11
C ARG A 52 -9.20 8.22 21.43
N GLN A 53 -7.88 8.08 21.39
CA GLN A 53 -7.07 8.14 22.61
C GLN A 53 -7.10 9.54 23.24
N ALA A 54 -7.31 10.59 22.42
CA ALA A 54 -7.57 11.94 22.91
C ALA A 54 -9.02 12.24 23.31
N GLY A 55 -9.94 11.27 23.27
CA GLY A 55 -11.29 11.41 23.78
C GLY A 55 -12.38 11.58 22.73
N ALA A 56 -12.02 11.49 21.43
CA ALA A 56 -13.00 11.51 20.37
C ALA A 56 -13.97 10.35 20.52
N GLU A 57 -15.25 10.66 20.38
CA GLU A 57 -16.33 9.67 20.35
C GLU A 57 -16.78 9.37 18.92
N ARG A 58 -16.49 10.29 17.98
CA ARG A 58 -17.07 10.33 16.66
C ARG A 58 -15.96 10.80 15.72
N LEU A 59 -15.90 10.18 14.53
CA LEU A 59 -14.97 10.55 13.49
C LEU A 59 -15.78 10.88 12.23
N VAL A 60 -15.57 12.08 11.66
CA VAL A 60 -16.22 12.51 10.42
C VAL A 60 -15.11 12.54 9.36
N ILE A 61 -15.14 11.55 8.45
CA ILE A 61 -14.19 11.48 7.36
C ILE A 61 -14.78 12.20 6.16
N VAL A 62 -14.07 13.24 5.70
CA VAL A 62 -14.47 13.93 4.50
C VAL A 62 -13.80 13.28 3.30
N THR A 63 -14.59 12.75 2.35
CA THR A 63 -13.97 12.08 1.23
C THR A 63 -14.75 12.37 -0.04
N SER A 64 -14.15 11.97 -1.14
CA SER A 64 -14.80 12.00 -2.43
C SER A 64 -15.74 10.81 -2.59
N PRO A 65 -16.69 10.83 -3.57
CA PRO A 65 -17.51 9.64 -3.84
C PRO A 65 -16.78 8.34 -4.17
N ALA A 66 -15.61 8.41 -4.83
CA ALA A 66 -14.85 7.22 -5.21
C ALA A 66 -14.06 6.62 -4.03
N LYS A 67 -14.00 7.31 -2.90
CA LYS A 67 -13.17 6.88 -1.77
C LYS A 67 -14.03 6.53 -0.55
N GLN A 68 -15.35 6.41 -0.73
CA GLN A 68 -16.26 6.08 0.36
C GLN A 68 -15.98 4.70 0.97
N SER A 69 -15.28 3.81 0.25
CA SER A 69 -14.79 2.54 0.79
C SER A 69 -13.89 2.67 2.03
N ILE A 70 -13.34 3.86 2.30
CA ILE A 70 -12.80 4.19 3.61
C ILE A 70 -13.84 3.88 4.71
N ALA A 71 -15.15 4.09 4.46
CA ALA A 71 -16.21 3.88 5.44
C ALA A 71 -16.30 2.42 5.85
N ALA A 72 -16.39 1.53 4.84
CA ALA A 72 -16.49 0.09 5.00
C ALA A 72 -15.35 -0.44 5.85
N TYR A 73 -14.17 0.22 5.82
CA TYR A 73 -13.05 -0.24 6.65
C TYR A 73 -13.43 -0.23 8.13
N PHE A 74 -14.27 0.75 8.55
CA PHE A 74 -14.67 0.88 9.94
C PHE A 74 -15.94 0.07 10.27
N ARG A 75 -16.45 -0.74 9.33
CA ARG A 75 -17.60 -1.58 9.58
C ARG A 75 -17.07 -2.97 9.98
N PRO A 76 -17.80 -3.74 10.84
CA PRO A 76 -17.41 -5.11 11.14
C PRO A 76 -17.42 -5.93 9.87
N ALA A 77 -16.65 -7.02 9.87
CA ALA A 77 -16.49 -7.94 8.76
C ALA A 77 -16.76 -9.34 9.35
N PRO A 78 -18.04 -9.66 9.69
CA PRO A 78 -18.38 -10.92 10.38
C PRO A 78 -17.83 -12.20 9.78
N GLU A 79 -17.89 -12.35 8.45
CA GLU A 79 -17.46 -13.58 7.80
C GLU A 79 -15.94 -13.71 7.86
N LEU A 80 -15.22 -12.61 7.60
CA LEU A 80 -13.78 -12.61 7.79
C LEU A 80 -13.41 -12.96 9.26
N GLU A 81 -14.10 -12.33 10.24
CA GLU A 81 -13.84 -12.57 11.65
CA GLU A 81 -13.88 -12.57 11.65
C GLU A 81 -14.07 -14.06 11.96
N ARG A 82 -15.22 -14.59 11.51
CA ARG A 82 -15.58 -15.99 11.73
C ARG A 82 -14.47 -16.90 11.17
N SER A 83 -14.01 -16.62 9.96
CA SER A 83 -12.97 -17.41 9.33
C SER A 83 -11.62 -17.37 10.08
N LEU A 84 -11.20 -16.19 10.53
CA LEU A 84 -9.96 -16.07 11.30
C LEU A 84 -10.08 -16.84 12.62
N GLU A 85 -11.25 -16.81 13.25
CA GLU A 85 -11.46 -17.49 14.53
C GLU A 85 -11.35 -19.01 14.32
N GLU A 86 -11.90 -19.52 13.21
CA GLU A 86 -11.88 -20.96 12.93
C GLU A 86 -10.46 -21.41 12.60
N LYS A 87 -9.61 -20.52 12.04
CA LYS A 87 -8.22 -20.84 11.75
C LYS A 87 -7.28 -20.56 12.94
N GLY A 88 -7.80 -20.09 14.07
CA GLY A 88 -6.96 -19.79 15.22
C GLY A 88 -6.01 -18.62 14.95
N LYS A 89 -6.34 -17.72 14.01
CA LYS A 89 -5.58 -16.48 13.81
C LYS A 89 -6.04 -15.40 14.77
N THR A 90 -5.79 -15.60 16.08
CA THR A 90 -6.25 -14.72 17.14
C THR A 90 -5.67 -13.31 16.97
N GLY A 91 -4.40 -13.23 16.57
CA GLY A 91 -3.73 -11.94 16.45
C GLY A 91 -4.24 -11.13 15.24
N GLN A 92 -4.43 -11.83 14.14
CA GLN A 92 -4.99 -11.15 12.96
C GLN A 92 -6.44 -10.77 13.23
N LEU A 93 -7.17 -11.60 13.97
CA LEU A 93 -8.56 -11.29 14.32
C LEU A 93 -8.67 -10.03 15.16
N ALA A 94 -7.79 -9.88 16.18
CA ALA A 94 -7.70 -8.66 16.96
C ALA A 94 -7.39 -7.46 16.08
N LYS A 95 -6.47 -7.65 15.13
CA LYS A 95 -6.08 -6.55 14.26
C LYS A 95 -7.28 -6.03 13.43
N ILE A 96 -8.10 -6.93 12.90
CA ILE A 96 -9.28 -6.51 12.12
C ILE A 96 -10.40 -5.94 13.00
N ARG A 97 -10.51 -6.38 14.25
CA ARG A 97 -11.56 -5.86 15.14
C ARG A 97 -11.23 -4.47 15.69
N ARG A 98 -9.97 -4.03 15.61
CA ARG A 98 -9.53 -2.81 16.26
C ARG A 98 -10.27 -1.59 15.71
N ALA A 99 -10.22 -1.35 14.38
CA ALA A 99 -10.75 -0.11 13.81
C ALA A 99 -12.24 0.04 14.04
N PRO A 100 -13.10 -0.97 13.76
CA PRO A 100 -14.53 -0.84 14.00
C PRO A 100 -14.94 -0.54 15.44
N GLU A 101 -14.10 -0.91 16.43
CA GLU A 101 -14.46 -0.72 17.84
C GLU A 101 -13.92 0.61 18.38
N LEU A 102 -13.22 1.44 17.57
CA LEU A 102 -12.58 2.64 18.09
C LEU A 102 -13.64 3.71 18.38
N LEU A 103 -14.48 4.06 17.40
CA LEU A 103 -15.47 5.11 17.58
C LEU A 103 -16.56 5.01 16.53
N GLU A 104 -17.54 5.90 16.65
CA GLU A 104 -18.60 6.05 15.65
C GLU A 104 -18.04 6.82 14.46
N VAL A 105 -18.25 6.29 13.25
CA VAL A 105 -17.65 6.86 12.05
C VAL A 105 -18.78 7.29 11.11
N GLU A 106 -18.66 8.51 10.58
CA GLU A 106 -19.56 9.03 9.56
C GLU A 106 -18.73 9.59 8.40
N VAL A 107 -19.31 9.66 7.21
CA VAL A 107 -18.63 10.17 6.02
C VAL A 107 -19.37 11.42 5.52
N ALA A 108 -18.65 12.54 5.30
CA ALA A 108 -19.18 13.68 4.58
C ALA A 108 -18.54 13.75 3.19
N ILE A 109 -19.36 14.03 2.16
CA ILE A 109 -18.92 13.95 0.77
C ILE A 109 -18.51 15.35 0.31
N GLN A 110 -17.23 15.54 -0.08
CA GLN A 110 -16.76 16.72 -0.80
C GLN A 110 -16.85 16.32 -2.28
N GLU A 111 -17.76 16.95 -3.04
CA GLU A 111 -17.97 16.57 -4.44
C GLU A 111 -16.70 16.77 -5.26
N GLN A 112 -16.07 17.96 -5.14
CA GLN A 112 -14.76 18.26 -5.74
C GLN A 112 -13.74 18.65 -4.65
N ALA A 113 -12.44 18.43 -4.94
CA ALA A 113 -11.35 18.78 -4.03
C ALA A 113 -10.95 20.25 -4.17
N LEU A 114 -11.69 21.13 -3.49
CA LEU A 114 -11.48 22.57 -3.58
C LEU A 114 -10.48 23.05 -2.50
N GLY A 115 -9.89 22.12 -1.74
CA GLY A 115 -8.79 22.34 -0.79
C GLY A 115 -9.19 21.99 0.65
N LEU A 116 -8.26 22.23 1.59
CA LEU A 116 -8.44 21.79 2.97
C LEU A 116 -9.55 22.56 3.67
N GLY A 117 -9.53 23.88 3.57
CA GLY A 117 -10.56 24.72 4.16
C GLY A 117 -11.95 24.23 3.73
N HIS A 118 -12.10 23.92 2.43
CA HIS A 118 -13.38 23.46 1.90
C HIS A 118 -13.73 22.07 2.43
N ALA A 119 -12.76 21.18 2.61
CA ALA A 119 -12.97 19.86 3.19
C ALA A 119 -13.53 19.96 4.61
N VAL A 120 -12.94 20.85 5.39
CA VAL A 120 -13.38 21.09 6.76
C VAL A 120 -14.81 21.65 6.77
N ALA A 121 -15.07 22.63 5.93
CA ALA A 121 -16.37 23.27 5.78
C ALA A 121 -17.44 22.21 5.50
N CSX A 122 -17.13 21.20 4.64
CA CSX A 122 -18.10 20.19 4.24
CA CSX A 122 -18.08 20.18 4.23
CB CSX A 122 -17.64 19.48 2.96
CB CSX A 122 -17.63 19.39 2.99
SG CSX A 122 -18.08 20.47 1.48
SG CSX A 122 -18.03 20.13 1.38
C CSX A 122 -18.45 19.25 5.40
O CSX A 122 -19.43 18.50 5.30
OD CSX A 122 -17.92 21.92 1.84
OD CSX A 122 -19.37 20.79 1.53
H CSX A 122 -16.28 21.16 4.30
HA CSX A 122 -18.93 20.68 4.01
HA CSX A 122 -18.92 20.66 3.97
HB2 CSX A 122 -16.68 19.34 2.99
HB2 CSX A 122 -16.67 19.25 3.05
HB3 CSX A 122 -18.09 18.60 2.91
HB3 CSX A 122 -18.04 18.49 3.03
HG CSX A 122 -17.20 20.08 0.69
HG CSX A 122 -17.15 21.03 1.35
N ALA A 123 -17.70 19.26 6.52
CA ALA A 123 -18.06 18.45 7.67
C ALA A 123 -19.11 19.14 8.57
N GLU A 124 -19.39 20.45 8.37
CA GLU A 124 -20.25 21.21 9.28
C GLU A 124 -21.63 20.56 9.43
N PRO A 125 -22.29 20.03 8.36
CA PRO A 125 -23.60 19.37 8.56
C PRO A 125 -23.61 18.13 9.47
N ASN A 126 -22.43 17.51 9.71
CA ASN A 126 -22.27 16.38 10.60
C ASN A 126 -22.13 16.81 12.06
N LEU A 127 -22.06 18.11 12.32
CA LEU A 127 -21.86 18.59 13.68
C LEU A 127 -23.21 18.80 14.36
N GLY A 128 -23.16 18.74 15.68
CA GLY A 128 -24.32 18.91 16.54
C GLY A 128 -24.10 20.01 17.56
N PRO A 129 -25.12 20.25 18.40
CA PRO A 129 -25.05 21.25 19.47
C PRO A 129 -23.96 21.11 20.51
N GLU A 130 -23.49 19.87 20.74
CA GLU A 130 -22.39 19.64 21.67
C GLU A 130 -21.03 19.98 21.07
N ASP A 131 -20.93 20.15 19.73
CA ASP A 131 -19.65 20.36 19.09
C ASP A 131 -19.25 21.84 19.13
N ASP A 132 -18.84 22.34 20.31
CA ASP A 132 -18.32 23.70 20.44
C ASP A 132 -16.92 23.82 19.85
N VAL A 133 -16.14 22.71 19.91
CA VAL A 133 -14.81 22.62 19.38
C VAL A 133 -14.74 21.29 18.64
N VAL A 134 -14.03 21.26 17.51
CA VAL A 134 -13.78 20.02 16.78
C VAL A 134 -12.28 19.81 16.62
N ALA A 135 -11.82 18.57 16.71
CA ALA A 135 -10.46 18.25 16.33
C ALA A 135 -10.40 18.02 14.81
N VAL A 136 -9.26 18.36 14.24
CA VAL A 136 -8.98 18.06 12.84
C VAL A 136 -7.63 17.34 12.84
N LEU A 137 -7.56 16.17 12.15
CA LEU A 137 -6.29 15.46 11.99
C LEU A 137 -6.02 15.24 10.52
N LEU A 138 -4.89 15.79 10.03
CA LEU A 138 -4.53 15.54 8.63
C LEU A 138 -3.88 14.17 8.58
N PRO A 139 -4.40 13.26 7.71
CA PRO A 139 -3.97 11.86 7.74
C PRO A 139 -2.58 11.60 7.15
N ASP A 140 -1.93 12.61 6.53
CA ASP A 140 -0.55 12.49 6.08
CA ASP A 140 -0.56 12.47 6.07
C ASP A 140 0.47 12.81 7.15
N ASP A 141 0.03 13.40 8.26
CA ASP A 141 0.93 13.69 9.37
C ASP A 141 0.72 12.67 10.47
N LEU A 142 1.80 11.98 10.85
CA LEU A 142 1.80 11.16 12.08
C LEU A 142 2.61 11.90 13.14
N VAL A 143 1.98 12.13 14.30
CA VAL A 143 2.56 12.89 15.40
C VAL A 143 2.66 11.94 16.56
N LEU A 144 3.92 11.72 17.01
CA LEU A 144 4.21 10.58 17.86
C LEU A 144 4.93 11.06 19.12
N PRO A 145 4.66 10.46 20.29
CA PRO A 145 3.58 9.50 20.50
C PRO A 145 2.23 10.21 20.50
N HIS A 146 1.14 9.43 20.65
CA HIS A 146 -0.19 10.00 20.85
C HIS A 146 -0.21 10.98 22.00
N GLY A 147 -1.03 12.01 21.86
CA GLY A 147 -1.28 12.93 22.95
C GLY A 147 -1.25 14.42 22.60
N ILE A 148 -0.86 14.80 21.37
CA ILE A 148 -0.78 16.24 21.09
C ILE A 148 -2.16 16.88 21.27
N LEU A 149 -3.25 16.19 20.88
CA LEU A 149 -4.58 16.81 20.98
C LEU A 149 -4.98 17.04 22.44
N GLU A 150 -4.50 16.16 23.35
CA GLU A 150 -4.76 16.41 24.77
C GLU A 150 -4.01 17.63 25.29
N ARG A 151 -2.75 17.83 24.88
CA ARG A 151 -2.02 19.05 25.19
C ARG A 151 -2.78 20.24 24.66
N MET A 152 -3.28 20.15 23.41
CA MET A 152 -4.01 21.24 22.77
C MET A 152 -5.33 21.50 23.53
N ALA A 153 -5.98 20.46 24.04
CA ALA A 153 -7.20 20.61 24.83
C ALA A 153 -6.92 21.40 26.12
N LYS A 154 -5.76 21.21 26.76
CA LYS A 154 -5.45 21.95 27.98
C LYS A 154 -5.37 23.45 27.69
N VAL A 155 -4.79 23.78 26.51
CA VAL A 155 -4.72 25.16 26.04
C VAL A 155 -6.10 25.74 25.80
N ARG A 156 -6.96 25.03 25.09
CA ARG A 156 -8.34 25.48 24.88
C ARG A 156 -9.04 25.73 26.22
N ALA A 157 -8.86 24.83 27.17
CA ALA A 157 -9.52 24.99 28.48
C ALA A 157 -9.03 26.26 29.19
N GLU A 158 -7.73 26.62 29.08
CA GLU A 158 -7.15 27.80 29.74
C GLU A 158 -7.52 29.09 29.00
N HIS A 159 -7.45 29.11 27.66
CA HIS A 159 -7.50 30.33 26.87
C HIS A 159 -8.78 30.52 26.05
N GLY A 160 -9.59 29.46 25.89
CA GLY A 160 -10.66 29.44 24.91
C GLY A 160 -10.11 29.49 23.49
N GLY A 161 -10.98 29.82 22.56
CA GLY A 161 -10.60 29.98 21.17
C GLY A 161 -10.13 28.67 20.53
N SER A 162 -9.17 28.79 19.62
CA SER A 162 -8.73 27.67 18.80
C SER A 162 -7.25 27.38 19.07
N VAL A 163 -6.84 26.14 18.76
CA VAL A 163 -5.47 25.70 19.03
C VAL A 163 -4.91 24.98 17.80
N LEU A 164 -3.68 25.38 17.45
CA LEU A 164 -2.95 24.79 16.32
C LEU A 164 -1.77 24.00 16.90
N CYS A 165 -1.00 23.34 16.02
CA CYS A 165 0.12 22.51 16.36
C CYS A 165 1.32 22.93 15.50
N ALA A 166 2.51 23.01 16.11
CA ALA A 166 3.73 23.35 15.38
C ALA A 166 4.82 22.32 15.66
N PHE A 167 5.66 22.10 14.66
CA PHE A 167 6.96 21.48 14.83
C PHE A 167 8.01 22.55 14.99
N ASP A 168 9.05 22.28 15.82
CA ASP A 168 10.14 23.20 16.05
C ASP A 168 11.23 22.82 15.05
N ILE A 169 11.35 23.63 13.99
CA ILE A 169 12.20 23.34 12.85
C ILE A 169 13.18 24.50 12.68
N PRO A 170 14.50 24.24 12.56
CA PRO A 170 15.45 25.34 12.33
C PRO A 170 15.12 26.12 11.06
N LYS A 171 15.43 27.44 11.11
CA LYS A 171 15.08 28.40 10.08
C LYS A 171 15.61 28.01 8.70
N GLU A 172 16.84 27.46 8.66
CA GLU A 172 17.44 27.01 7.41
C GLU A 172 16.81 25.71 6.88
N GLU A 173 15.89 25.04 7.63
CA GLU A 173 15.15 23.85 7.21
C GLU A 173 13.63 24.08 7.07
N ILE A 174 13.13 25.31 7.33
CA ILE A 174 11.70 25.56 7.56
C ILE A 174 10.96 26.07 6.30
N SER A 175 11.65 26.31 5.17
CA SER A 175 11.06 27.04 4.04
C SER A 175 9.95 26.28 3.30
N ALA A 176 9.82 24.96 3.50
CA ALA A 176 8.73 24.17 2.92
C ALA A 176 7.42 24.35 3.69
N TYR A 177 7.42 25.09 4.83
CA TYR A 177 6.30 25.08 5.77
C TYR A 177 5.71 26.48 5.88
N GLY A 178 4.46 26.54 6.35
CA GLY A 178 3.93 27.75 6.95
C GLY A 178 4.51 27.91 8.35
N VAL A 179 4.80 29.16 8.71
CA VAL A 179 5.59 29.46 9.89
C VAL A 179 4.80 30.50 10.67
N PHE A 180 4.46 30.16 11.91
CA PHE A 180 3.71 31.10 12.75
C PHE A 180 4.53 32.32 13.17
N ASP A 181 3.80 33.44 13.30
CA ASP A 181 4.27 34.63 13.96
C ASP A 181 3.66 34.56 15.37
N VAL A 182 4.49 34.62 16.42
CA VAL A 182 4.04 34.22 17.76
C VAL A 182 4.50 35.20 18.85
N SER A 183 3.82 35.08 20.01
CA SER A 183 4.24 35.70 21.26
C SER A 183 4.23 34.61 22.35
N ASP A 184 5.05 34.82 23.39
CA ASP A 184 5.23 33.84 24.46
C ASP A 184 3.98 33.77 25.35
N THR A 185 3.86 32.62 26.04
CA THR A 185 2.99 32.46 27.18
C THR A 185 3.88 32.00 28.35
N ASP A 186 3.21 31.56 29.42
CA ASP A 186 3.93 31.07 30.58
C ASP A 186 4.32 29.61 30.42
N ASP A 187 3.92 28.93 29.32
CA ASP A 187 4.38 27.59 29.01
C ASP A 187 5.30 27.70 27.79
N ALA A 188 6.54 27.20 27.89
CA ALA A 188 7.54 27.21 26.81
C ALA A 188 7.05 26.61 25.48
N ASP A 189 6.13 25.63 25.57
CA ASP A 189 5.59 24.95 24.42
C ASP A 189 4.25 25.53 23.96
N VAL A 190 3.80 26.68 24.49
CA VAL A 190 2.54 27.26 24.05
C VAL A 190 2.82 28.70 23.64
N LYS A 191 2.41 29.06 22.41
CA LYS A 191 2.55 30.43 21.93
C LYS A 191 1.18 30.94 21.52
N ARG A 192 0.99 32.25 21.65
CA ARG A 192 -0.13 32.91 21.02
C ARG A 192 0.25 33.16 19.56
N VAL A 193 -0.71 32.90 18.67
CA VAL A 193 -0.50 33.08 17.25
C VAL A 193 -0.99 34.48 16.85
N HIS A 194 -0.11 35.24 16.19
CA HIS A 194 -0.41 36.55 15.64
C HIS A 194 -0.71 36.48 14.14
N GLY A 195 -0.17 35.47 13.45
CA GLY A 195 -0.38 35.26 12.02
C GLY A 195 0.45 34.07 11.55
N MET A 196 0.54 33.87 10.23
N MET A 196 0.54 33.88 10.23
CA MET A 196 1.36 32.83 9.64
CA MET A 196 1.34 32.84 9.61
C MET A 196 1.94 33.34 8.32
C MET A 196 1.95 33.37 8.31
N VAL A 197 3.19 32.94 7.99
CA VAL A 197 3.88 33.31 6.76
C VAL A 197 4.10 31.99 6.00
N GLU A 198 3.69 31.95 4.73
CA GLU A 198 3.79 30.76 3.90
C GLU A 198 5.21 30.67 3.33
N LYS A 199 5.89 29.56 3.64
CA LYS A 199 7.14 29.21 2.97
C LYS A 199 8.15 30.35 2.97
N PRO A 200 8.49 30.92 4.16
CA PRO A 200 9.44 32.01 4.22
C PRO A 200 10.86 31.50 3.93
N PRO A 201 11.73 32.29 3.26
CA PRO A 201 13.16 32.02 3.33
C PRO A 201 13.60 32.17 4.79
N ALA A 202 14.73 31.53 5.14
CA ALA A 202 15.24 31.41 6.50
C ALA A 202 15.33 32.77 7.21
N GLU A 203 15.85 33.77 6.49
CA GLU A 203 16.01 35.12 7.03
C GLU A 203 14.68 35.86 7.24
N GLN A 204 13.58 35.45 6.59
CA GLN A 204 12.24 36.02 6.82
C GLN A 204 11.35 35.15 7.72
N ALA A 205 11.83 34.01 8.22
CA ALA A 205 11.01 33.13 9.07
C ALA A 205 10.76 33.83 10.40
N PRO A 206 9.48 34.08 10.82
CA PRO A 206 9.24 34.83 12.07
C PRO A 206 9.43 33.99 13.34
N SER A 207 9.57 32.67 13.17
CA SER A 207 9.84 31.78 14.27
C SER A 207 10.43 30.49 13.72
N THR A 208 10.71 29.56 14.64
CA THR A 208 11.09 28.21 14.26
C THR A 208 9.85 27.29 14.32
N PHE A 209 8.62 27.85 14.30
CA PHE A 209 7.41 27.07 14.53
C PHE A 209 6.62 26.89 13.22
N ALA A 210 6.74 25.67 12.68
CA ALA A 210 6.13 25.26 11.43
C ALA A 210 4.79 24.58 11.68
N ALA A 211 3.77 24.94 10.89
CA ALA A 211 2.44 24.41 11.09
C ALA A 211 2.35 22.91 10.77
N ALA A 212 1.84 22.12 11.72
CA ALA A 212 1.58 20.68 11.66
C ALA A 212 0.09 20.42 11.51
N GLY A 213 -0.27 19.22 10.99
CA GLY A 213 -1.65 18.90 10.66
C GLY A 213 -2.48 18.40 11.83
N ARG A 214 -2.53 19.18 12.91
CA ARG A 214 -3.39 18.90 14.03
C ARG A 214 -4.03 20.23 14.48
N TYR A 215 -5.34 20.20 14.76
CA TYR A 215 -6.08 21.43 15.06
C TYR A 215 -7.19 21.13 16.06
N LEU A 216 -7.44 22.10 16.96
CA LEU A 216 -8.67 22.10 17.76
C LEU A 216 -9.37 23.41 17.43
N LEU A 217 -10.42 23.35 16.61
CA LEU A 217 -11.04 24.55 16.02
C LEU A 217 -12.36 24.80 16.73
N ASP A 218 -12.48 26.02 17.22
CA ASP A 218 -13.74 26.52 17.71
C ASP A 218 -14.74 26.51 16.54
N ARG A 219 -16.02 26.35 16.87
CA ARG A 219 -17.08 26.35 15.87
C ARG A 219 -17.12 27.63 15.02
N ALA A 220 -16.58 28.76 15.52
CA ALA A 220 -16.42 30.00 14.78
C ALA A 220 -15.72 29.82 13.44
N ILE A 221 -14.90 28.76 13.30
CA ILE A 221 -14.17 28.53 12.06
C ILE A 221 -15.11 28.45 10.86
N PHE A 222 -16.32 27.88 11.02
CA PHE A 222 -17.23 27.62 9.90
C PHE A 222 -17.71 28.91 9.29
N ASP A 223 -18.08 29.86 10.14
CA ASP A 223 -18.42 31.19 9.70
C ASP A 223 -17.22 31.86 9.01
N ALA A 224 -15.98 31.69 9.54
CA ALA A 224 -14.80 32.23 8.87
C ALA A 224 -14.62 31.61 7.48
N LEU A 225 -14.85 30.31 7.38
CA LEU A 225 -14.70 29.62 6.09
C LEU A 225 -15.72 30.11 5.06
N ARG A 226 -16.91 30.55 5.52
CA ARG A 226 -17.93 31.11 4.64
C ARG A 226 -17.59 32.51 4.12
N ARG A 227 -16.67 33.23 4.80
CA ARG A 227 -16.40 34.63 4.51
C ARG A 227 -15.03 34.86 3.89
N ILE A 228 -14.19 33.85 3.78
CA ILE A 228 -12.91 33.99 3.11
C ILE A 228 -13.15 33.95 1.59
N GLU A 229 -12.37 34.78 0.88
CA GLU A 229 -12.40 34.84 -0.58
C GLU A 229 -11.90 33.51 -1.14
N PRO A 230 -12.70 32.86 -2.03
CA PRO A 230 -12.20 31.72 -2.81
C PRO A 230 -11.12 32.15 -3.82
N LEU A 236 -10.63 27.19 -0.90
CA LEU A 236 -10.54 27.85 0.44
C LEU A 236 -9.32 27.31 1.22
N GLN A 237 -8.41 28.19 1.70
CA GLN A 237 -7.33 27.78 2.61
C GLN A 237 -7.81 27.91 4.06
N LEU A 238 -7.69 26.83 4.83
CA LEU A 238 -7.92 26.89 6.29
C LEU A 238 -7.10 28.01 6.93
N THR A 239 -5.84 28.24 6.50
CA THR A 239 -4.99 29.27 7.13
C THR A 239 -5.57 30.66 6.95
N ASP A 240 -6.30 30.90 5.84
CA ASP A 240 -6.96 32.19 5.66
C ASP A 240 -8.14 32.36 6.62
N ALA A 241 -8.89 31.27 6.90
CA ALA A 241 -9.98 31.33 7.85
C ALA A 241 -9.41 31.56 9.26
N VAL A 242 -8.30 30.92 9.59
CA VAL A 242 -7.68 31.15 10.90
C VAL A 242 -7.23 32.61 10.99
N ALA A 243 -6.62 33.13 9.91
CA ALA A 243 -6.18 34.53 9.91
C ALA A 243 -7.33 35.49 10.13
N LEU A 244 -8.52 35.20 9.55
CA LEU A 244 -9.70 36.01 9.71
C LEU A 244 -10.13 35.99 11.18
N LEU A 245 -10.15 34.81 11.80
CA LEU A 245 -10.46 34.70 13.23
C LEU A 245 -9.54 35.59 14.07
N ILE A 246 -8.23 35.56 13.82
CA ILE A 246 -7.28 36.31 14.64
C ILE A 246 -7.54 37.81 14.48
N GLN A 247 -7.76 38.27 13.22
CA GLN A 247 -8.17 39.63 12.89
C GLN A 247 -9.44 40.04 13.65
N GLU A 248 -10.40 39.13 13.82
CA GLU A 248 -11.65 39.43 14.51
C GLU A 248 -11.60 39.17 16.02
N GLY A 249 -10.40 38.95 16.59
CA GLY A 249 -10.18 38.92 18.02
C GLY A 249 -10.35 37.54 18.66
N HIS A 250 -10.40 36.51 17.81
CA HIS A 250 -10.58 35.16 18.31
C HIS A 250 -9.21 34.68 18.83
N PRO A 251 -9.12 34.13 20.06
CA PRO A 251 -7.82 33.64 20.55
C PRO A 251 -7.39 32.43 19.75
N VAL A 252 -6.12 32.46 19.33
CA VAL A 252 -5.50 31.34 18.64
C VAL A 252 -4.13 31.13 19.28
N HIS A 253 -3.90 29.92 19.78
CA HIS A 253 -2.63 29.49 20.33
C HIS A 253 -2.10 28.30 19.54
N VAL A 254 -0.81 27.98 19.76
CA VAL A 254 -0.16 26.86 19.16
C VAL A 254 0.57 26.10 20.27
N VAL A 255 0.48 24.76 20.20
CA VAL A 255 1.30 23.86 20.99
C VAL A 255 2.45 23.36 20.11
N VAL A 256 3.66 23.43 20.65
CA VAL A 256 4.86 22.98 19.97
C VAL A 256 5.05 21.51 20.32
N HIS A 257 5.00 20.66 19.31
CA HIS A 257 5.34 19.24 19.43
C HIS A 257 6.86 19.12 19.42
N ARG A 258 7.40 18.45 20.45
CA ARG A 258 8.83 18.22 20.62
C ARG A 258 9.24 16.82 20.15
N GLY A 259 8.27 15.90 20.04
CA GLY A 259 8.53 14.50 19.77
C GLY A 259 8.77 14.17 18.30
N ASP A 260 8.47 12.94 17.96
CA ASP A 260 8.76 12.45 16.64
C ASP A 260 7.59 12.72 15.71
N ARG A 261 7.86 12.61 14.43
CA ARG A 261 6.80 12.76 13.44
C ARG A 261 7.17 12.02 12.16
N HIS A 262 6.13 11.72 11.39
CA HIS A 262 6.33 11.18 10.06
C HIS A 262 5.38 11.90 9.09
N ASP A 263 5.84 11.89 7.84
CA ASP A 263 5.22 12.58 6.72
C ASP A 263 4.86 11.54 5.69
N LEU A 264 3.54 11.28 5.54
CA LEU A 264 3.12 10.24 4.58
C LEU A 264 2.72 10.85 3.23
N GLY A 265 3.08 12.12 3.02
CA GLY A 265 2.67 12.85 1.83
C GLY A 265 3.30 12.39 0.52
N ASN A 266 4.45 11.69 0.58
CA ASN A 266 5.08 11.18 -0.62
C ASN A 266 5.67 9.81 -0.31
N PRO A 267 5.93 8.97 -1.32
CA PRO A 267 6.49 7.64 -1.05
C PRO A 267 7.75 7.61 -0.17
N GLY A 268 8.66 8.58 -0.31
CA GLY A 268 9.90 8.62 0.45
C GLY A 268 9.58 8.74 1.95
N GLY A 269 8.77 9.74 2.34
CA GLY A 269 8.37 9.91 3.75
C GLY A 269 7.55 8.72 4.24
N PHE A 270 6.73 8.14 3.39
CA PHE A 270 5.93 6.98 3.72
C PHE A 270 6.83 5.78 4.05
N LEU A 271 7.84 5.53 3.22
CA LEU A 271 8.82 4.44 3.50
C LEU A 271 9.61 4.67 4.79
N ARG A 272 9.93 5.92 5.11
CA ARG A 272 10.63 6.19 6.37
C ARG A 272 9.73 5.73 7.53
N ALA A 273 8.44 6.04 7.47
CA ALA A 273 7.52 5.64 8.53
C ALA A 273 7.42 4.11 8.64
N ALA A 274 7.25 3.45 7.50
CA ALA A 274 7.11 1.99 7.46
C ALA A 274 8.39 1.30 7.97
N VAL A 275 9.58 1.77 7.54
CA VAL A 275 10.84 1.21 8.03
C VAL A 275 10.97 1.47 9.53
N ASP A 276 10.69 2.68 9.97
CA ASP A 276 10.81 3.01 11.38
C ASP A 276 9.98 2.08 12.24
N PHE A 277 8.70 1.89 11.86
CA PHE A 277 7.80 1.00 12.62
C PHE A 277 8.20 -0.46 12.50
N ALA A 278 8.58 -0.90 11.30
CA ALA A 278 8.95 -2.30 11.11
C ALA A 278 10.21 -2.67 11.91
N LEU A 279 11.19 -1.76 12.06
CA LEU A 279 12.40 -2.04 12.82
C LEU A 279 12.09 -2.31 14.30
N GLN A 280 10.96 -1.78 14.76
CA GLN A 280 10.53 -1.90 16.16
C GLN A 280 9.64 -3.12 16.39
N ASP A 281 9.30 -3.84 15.32
CA ASP A 281 8.42 -4.99 15.40
C ASP A 281 9.25 -6.26 15.25
N PRO A 282 9.26 -7.17 16.26
CA PRO A 282 10.03 -8.39 16.16
C PRO A 282 9.74 -9.35 15.02
N ASP A 283 8.57 -9.27 14.40
CA ASP A 283 8.27 -10.03 13.21
C ASP A 283 9.14 -9.61 12.01
N TYR A 284 9.66 -8.38 11.99
CA TYR A 284 10.37 -7.86 10.83
C TYR A 284 11.76 -7.35 11.19
N GLY A 285 11.88 -6.63 12.32
CA GLY A 285 13.01 -5.83 12.76
C GLY A 285 14.39 -6.41 12.49
N PRO A 286 14.82 -7.50 13.14
CA PRO A 286 16.22 -7.93 12.98
C PRO A 286 16.68 -8.29 11.57
N GLU A 287 15.85 -9.04 10.84
N GLU A 287 15.83 -9.04 10.84
CA GLU A 287 16.12 -9.40 9.47
CA GLU A 287 16.09 -9.41 9.46
C GLU A 287 16.13 -8.16 8.57
C GLU A 287 16.12 -8.16 8.58
N LEU A 288 15.16 -7.26 8.77
CA LEU A 288 15.11 -6.02 7.97
C LEU A 288 16.36 -5.17 8.23
N ARG A 289 16.76 -5.03 9.50
CA ARG A 289 17.97 -4.29 9.85
C ARG A 289 19.17 -4.88 9.11
N ALA A 290 19.31 -6.22 9.14
CA ALA A 290 20.46 -6.86 8.51
C ALA A 290 20.42 -6.63 7.00
N TRP A 291 19.21 -6.70 6.44
CA TRP A 291 19.05 -6.51 5.00
C TRP A 291 19.40 -5.07 4.62
N LEU A 292 18.93 -4.12 5.43
CA LEU A 292 19.17 -2.70 5.14
C LEU A 292 20.66 -2.37 5.23
N THR A 293 21.35 -2.93 6.26
CA THR A 293 22.80 -2.74 6.43
C THR A 293 23.60 -3.05 5.16
N ASP A 294 23.31 -4.18 4.52
N ASP A 294 23.31 -4.19 4.53
CA ASP A 294 23.94 -4.56 3.26
CA ASP A 294 23.88 -4.62 3.27
C ASP A 294 23.46 -3.67 2.12
C ASP A 294 23.45 -3.70 2.12
N ARG A 295 22.14 -3.47 2.01
CA ARG A 295 21.53 -2.82 0.86
C ARG A 295 22.02 -1.37 0.67
N ILE A 296 22.17 -0.61 1.76
CA ILE A 296 22.54 0.81 1.66
C ILE A 296 24.03 1.00 1.30
N ALA A 297 24.86 -0.04 1.44
CA ALA A 297 26.26 -0.05 1.01
C ALA A 297 26.49 -0.26 -0.50
N ARG A 298 25.44 -0.47 -1.32
N ARG A 298 25.43 -0.45 -1.31
CA ARG A 298 25.60 -0.60 -2.77
CA ARG A 298 25.56 -0.60 -2.76
C ARG A 298 24.52 0.26 -3.44
C ARG A 298 24.51 0.29 -3.43
N PRO A 299 24.68 0.68 -4.73
CA PRO A 299 23.65 1.47 -5.42
C PRO A 299 22.29 0.73 -5.50
N THR B 9 5.03 -17.54 -28.52
CA THR B 9 3.76 -18.11 -29.06
C THR B 9 2.58 -17.83 -28.12
N PHE B 10 2.73 -17.86 -26.76
CA PHE B 10 1.55 -17.64 -25.92
C PHE B 10 1.01 -16.21 -26.16
N THR B 11 -0.32 -16.07 -26.11
CA THR B 11 -0.96 -14.76 -26.12
C THR B 11 -1.75 -14.41 -24.85
N THR B 12 -2.14 -15.39 -24.01
CA THR B 12 -2.94 -15.15 -22.82
C THR B 12 -2.10 -15.47 -21.59
N ALA B 13 -1.98 -14.48 -20.69
CA ALA B 13 -1.36 -14.64 -19.39
C ALA B 13 -2.45 -14.63 -18.30
N ILE B 14 -2.35 -15.54 -17.33
CA ILE B 14 -3.29 -15.71 -16.24
C ILE B 14 -2.63 -15.22 -14.97
N VAL B 15 -3.32 -14.34 -14.21
CA VAL B 15 -2.82 -13.88 -12.91
C VAL B 15 -3.80 -14.33 -11.84
N PRO B 16 -3.48 -15.35 -11.01
CA PRO B 16 -4.32 -15.78 -9.89
C PRO B 16 -4.23 -14.72 -8.77
N ALA B 17 -5.38 -14.15 -8.42
CA ALA B 17 -5.46 -13.05 -7.46
C ALA B 17 -6.69 -13.24 -6.57
N ALA B 18 -6.99 -14.48 -6.15
CA ALA B 18 -8.24 -14.67 -5.43
C ALA B 18 -8.02 -14.84 -3.93
N GLY B 19 -6.76 -14.95 -3.44
CA GLY B 19 -6.49 -15.06 -2.01
C GLY B 19 -6.71 -13.71 -1.32
N LEU B 20 -6.96 -13.69 0.01
CA LEU B 20 -7.19 -12.42 0.71
C LEU B 20 -5.89 -11.66 0.96
N GLY B 21 -4.80 -12.34 1.29
CA GLY B 21 -3.64 -11.62 1.77
C GLY B 21 -3.76 -11.46 3.29
N THR B 22 -4.03 -12.60 3.99
CA THR B 22 -4.15 -12.65 5.44
C THR B 22 -2.95 -11.97 6.11
N ARG B 23 -1.75 -12.12 5.53
CA ARG B 23 -0.52 -11.58 6.09
CA ARG B 23 -0.51 -11.58 6.09
CA ARG B 23 -0.52 -11.59 6.10
C ARG B 23 -0.50 -10.05 6.06
N PHE B 24 -1.39 -9.42 5.25
CA PHE B 24 -1.45 -7.98 5.15
C PHE B 24 -2.68 -7.40 5.84
N LEU B 25 -3.35 -8.20 6.69
CA LEU B 25 -4.44 -7.65 7.49
C LEU B 25 -3.89 -6.62 8.50
N PRO B 26 -4.62 -5.55 8.85
CA PRO B 26 -6.03 -5.34 8.46
C PRO B 26 -6.26 -4.66 7.11
N THR B 27 -5.23 -4.24 6.42
CA THR B 27 -5.36 -3.46 5.17
C THR B 27 -6.15 -4.23 4.09
N THR B 28 -5.88 -5.54 3.94
CA THR B 28 -6.51 -6.34 2.90
C THR B 28 -7.98 -6.68 3.22
N LYS B 29 -8.53 -6.27 4.37
CA LYS B 29 -9.95 -6.28 4.57
C LYS B 29 -10.61 -5.42 3.50
N SER B 30 -9.97 -4.30 3.15
CA SER B 30 -10.57 -3.30 2.26
C SER B 30 -9.79 -3.14 0.96
N VAL B 31 -8.49 -3.41 0.91
CA VAL B 31 -7.67 -3.17 -0.28
C VAL B 31 -7.19 -4.52 -0.81
N PRO B 32 -7.42 -4.84 -2.10
CA PRO B 32 -6.78 -6.00 -2.71
C PRO B 32 -5.27 -5.94 -2.57
N LYS B 33 -4.67 -7.06 -2.13
CA LYS B 33 -3.24 -7.17 -1.98
C LYS B 33 -2.50 -6.76 -3.25
N GLU B 34 -3.05 -7.13 -4.42
CA GLU B 34 -2.37 -6.90 -5.67
C GLU B 34 -2.42 -5.44 -6.12
N LEU B 35 -3.20 -4.60 -5.42
CA LEU B 35 -3.15 -3.16 -5.66
C LEU B 35 -2.28 -2.39 -4.67
N LEU B 36 -1.63 -3.06 -3.72
CA LEU B 36 -0.75 -2.33 -2.80
C LEU B 36 0.49 -1.82 -3.54
N PRO B 37 0.92 -0.57 -3.27
CA PRO B 37 2.02 0.07 -4.00
C PRO B 37 3.42 -0.43 -3.62
N VAL B 38 4.20 -0.67 -4.67
CA VAL B 38 5.65 -0.82 -4.51
C VAL B 38 6.24 0.54 -4.87
N VAL B 39 6.54 1.36 -3.87
CA VAL B 39 6.82 2.79 -3.99
C VAL B 39 5.51 3.49 -4.41
N ASP B 40 5.16 3.45 -5.71
CA ASP B 40 3.97 4.13 -6.25
C ASP B 40 3.13 3.25 -7.18
N THR B 41 3.52 1.98 -7.44
CA THR B 41 2.96 1.18 -8.54
C THR B 41 2.49 -0.17 -7.99
N PRO B 42 1.26 -0.64 -8.23
CA PRO B 42 0.79 -1.89 -7.64
C PRO B 42 1.43 -3.09 -8.32
N ALA B 43 1.57 -4.20 -7.58
CA ALA B 43 2.06 -5.45 -8.16
C ALA B 43 1.29 -5.90 -9.39
N ILE B 44 -0.04 -5.66 -9.43
CA ILE B 44 -0.80 -6.11 -10.58
C ILE B 44 -0.25 -5.44 -11.83
N GLU B 45 0.20 -4.18 -11.73
CA GLU B 45 0.75 -3.49 -12.89
C GLU B 45 2.12 -4.09 -13.23
N LEU B 46 2.93 -4.39 -12.20
CA LEU B 46 4.26 -4.96 -12.41
C LEU B 46 4.19 -6.30 -13.15
N VAL B 47 3.25 -7.20 -12.76
CA VAL B 47 3.15 -8.48 -13.47
C VAL B 47 2.50 -8.32 -14.86
N ALA B 48 1.49 -7.42 -15.00
CA ALA B 48 0.89 -7.11 -16.28
C ALA B 48 1.98 -6.69 -17.27
N ASP B 49 2.91 -5.82 -16.82
CA ASP B 49 3.92 -5.26 -17.70
C ASP B 49 4.88 -6.38 -18.13
N GLU B 50 5.35 -7.16 -17.16
CA GLU B 50 6.19 -8.32 -17.45
C GLU B 50 5.52 -9.22 -18.48
N ALA B 51 4.24 -9.58 -18.28
CA ALA B 51 3.51 -10.40 -19.24
C ALA B 51 3.52 -9.79 -20.65
N ARG B 52 3.17 -8.48 -20.75
CA ARG B 52 3.16 -7.77 -22.03
CA ARG B 52 3.16 -7.77 -22.03
C ARG B 52 4.54 -7.81 -22.68
N GLN B 53 5.60 -7.54 -21.91
CA GLN B 53 6.94 -7.51 -22.48
CA GLN B 53 6.95 -7.52 -22.46
C GLN B 53 7.33 -8.90 -23.00
N ALA B 54 6.76 -9.99 -22.44
CA ALA B 54 6.99 -11.33 -22.98
C ALA B 54 6.06 -11.73 -24.14
N GLY B 55 5.17 -10.82 -24.60
CA GLY B 55 4.34 -10.99 -25.77
C GLY B 55 2.86 -11.32 -25.49
N ALA B 56 2.43 -11.29 -24.23
CA ALA B 56 1.01 -11.42 -23.93
C ALA B 56 0.23 -10.28 -24.60
N GLU B 57 -0.93 -10.61 -25.16
CA GLU B 57 -1.87 -9.64 -25.70
C GLU B 57 -3.10 -9.52 -24.82
N ARG B 58 -3.31 -10.48 -23.90
CA ARG B 58 -4.51 -10.60 -23.10
C ARG B 58 -4.07 -11.00 -21.68
N LEU B 59 -4.74 -10.45 -20.65
CA LEU B 59 -4.54 -10.81 -19.26
C LEU B 59 -5.87 -11.28 -18.68
N VAL B 60 -5.89 -12.47 -18.09
CA VAL B 60 -7.06 -12.99 -17.39
C VAL B 60 -6.71 -12.97 -15.91
N ILE B 61 -7.37 -12.06 -15.16
CA ILE B 61 -7.17 -11.95 -13.73
C ILE B 61 -8.27 -12.78 -13.07
N VAL B 62 -7.87 -13.74 -12.23
CA VAL B 62 -8.83 -14.57 -11.51
C VAL B 62 -9.00 -13.95 -10.13
N THR B 63 -10.23 -13.62 -9.72
CA THR B 63 -10.40 -13.02 -8.41
C THR B 63 -11.78 -13.34 -7.84
N SER B 64 -12.00 -12.87 -6.61
CA SER B 64 -13.25 -13.07 -5.92
C SER B 64 -14.24 -11.99 -6.36
N PRO B 65 -15.55 -12.17 -6.12
CA PRO B 65 -16.51 -11.07 -6.34
C PRO B 65 -16.17 -9.79 -5.61
N ALA B 66 -15.55 -9.88 -4.42
CA ALA B 66 -15.22 -8.70 -3.61
C ALA B 66 -14.02 -7.91 -4.14
N LYS B 67 -13.17 -8.48 -5.02
CA LYS B 67 -11.97 -7.81 -5.48
C LYS B 67 -12.03 -7.48 -6.98
N GLN B 68 -13.24 -7.59 -7.60
CA GLN B 68 -13.51 -7.16 -8.98
C GLN B 68 -12.88 -5.80 -9.26
N SER B 69 -12.80 -4.91 -8.24
CA SER B 69 -12.08 -3.63 -8.26
C SER B 69 -10.72 -3.63 -8.96
N ILE B 70 -9.94 -4.71 -8.87
CA ILE B 70 -8.70 -4.84 -9.63
C ILE B 70 -8.97 -4.54 -11.12
N ALA B 71 -10.16 -4.89 -11.65
CA ALA B 71 -10.48 -4.65 -13.06
C ALA B 71 -10.45 -3.18 -13.46
N ALA B 72 -11.06 -2.33 -12.62
CA ALA B 72 -11.18 -0.89 -12.81
C ALA B 72 -9.81 -0.23 -12.98
N TYR B 73 -8.80 -0.79 -12.31
CA TYR B 73 -7.47 -0.23 -12.40
C TYR B 73 -6.98 -0.20 -13.85
N PHE B 74 -7.46 -1.15 -14.69
CA PHE B 74 -7.06 -1.26 -16.08
C PHE B 74 -8.03 -0.49 -16.99
N ARG B 75 -9.00 0.24 -16.42
CA ARG B 75 -9.87 1.09 -17.21
C ARG B 75 -9.25 2.49 -17.30
N PRO B 76 -9.47 3.24 -18.40
CA PRO B 76 -9.05 4.65 -18.45
C PRO B 76 -9.66 5.49 -17.33
N ALA B 77 -8.98 6.60 -17.01
CA ALA B 77 -9.46 7.58 -16.05
C ALA B 77 -9.42 8.96 -16.71
N PRO B 78 -10.39 9.25 -17.59
CA PRO B 78 -10.34 10.46 -18.46
C PRO B 78 -10.26 11.78 -17.72
N GLU B 79 -11.06 11.96 -16.65
CA GLU B 79 -11.07 13.20 -15.90
C GLU B 79 -9.73 13.43 -15.18
N LEU B 80 -9.20 12.37 -14.57
CA LEU B 80 -7.88 12.43 -13.97
C LEU B 80 -6.76 12.72 -14.99
N GLU B 81 -6.81 12.12 -16.17
CA GLU B 81 -5.82 12.39 -17.21
C GLU B 81 -5.88 13.86 -17.57
N ARG B 82 -7.11 14.40 -17.75
CA ARG B 82 -7.24 15.81 -18.11
C ARG B 82 -6.65 16.71 -17.01
N SER B 83 -6.96 16.43 -15.76
CA SER B 83 -6.54 17.26 -14.65
C SER B 83 -4.99 17.25 -14.55
N LEU B 84 -4.37 16.08 -14.73
CA LEU B 84 -2.91 16.02 -14.75
C LEU B 84 -2.30 16.80 -15.92
N GLU B 85 -2.87 16.66 -17.13
CA GLU B 85 -2.36 17.35 -18.31
C GLU B 85 -2.44 18.87 -18.12
N GLU B 86 -3.53 19.35 -17.51
CA GLU B 86 -3.73 20.77 -17.28
C GLU B 86 -2.75 21.32 -16.24
N LYS B 87 -2.26 20.48 -15.30
CA LYS B 87 -1.29 20.92 -14.32
C LYS B 87 0.13 20.72 -14.84
N GLY B 88 0.30 20.27 -16.09
CA GLY B 88 1.61 19.96 -16.67
C GLY B 88 2.30 18.73 -16.09
N LYS B 89 1.53 17.85 -15.41
N LYS B 89 1.53 17.85 -15.42
CA LYS B 89 2.07 16.61 -14.88
CA LYS B 89 2.09 16.62 -14.87
C LYS B 89 2.13 15.54 -15.96
C LYS B 89 2.14 15.55 -15.95
N THR B 90 3.02 15.74 -16.95
CA THR B 90 3.20 14.84 -18.05
C THR B 90 3.73 13.47 -17.59
N GLY B 91 4.65 13.46 -16.62
CA GLY B 91 5.18 12.19 -16.09
C GLY B 91 4.13 11.33 -15.36
N GLN B 92 3.32 11.99 -14.53
CA GLN B 92 2.20 11.31 -13.85
C GLN B 92 1.13 10.82 -14.83
N LEU B 93 0.83 11.64 -15.84
CA LEU B 93 -0.11 11.29 -16.90
C LEU B 93 0.35 10.02 -17.64
N ALA B 94 1.65 9.96 -18.03
CA ALA B 94 2.18 8.74 -18.63
C ALA B 94 2.06 7.55 -17.66
N LYS B 95 2.26 7.79 -16.38
CA LYS B 95 2.18 6.72 -15.39
C LYS B 95 0.79 6.11 -15.31
N ILE B 96 -0.25 6.95 -15.34
CA ILE B 96 -1.61 6.47 -15.24
C ILE B 96 -2.11 5.88 -16.55
N ARG B 97 -1.53 6.32 -17.68
CA ARG B 97 -1.92 5.77 -18.96
C ARG B 97 -1.35 4.36 -19.16
N ARG B 98 -0.27 4.01 -18.45
CA ARG B 98 0.48 2.81 -18.77
C ARG B 98 -0.37 1.54 -18.66
N ALA B 99 -1.00 1.28 -17.49
CA ALA B 99 -1.64 -0.03 -17.29
C ALA B 99 -2.81 -0.23 -18.26
N PRO B 100 -3.74 0.73 -18.49
CA PRO B 100 -4.86 0.45 -19.37
C PRO B 100 -4.43 0.16 -20.81
N GLU B 101 -3.25 0.68 -21.21
CA GLU B 101 -2.75 0.55 -22.56
C GLU B 101 -1.92 -0.71 -22.77
N LEU B 102 -1.56 -1.45 -21.70
CA LEU B 102 -0.71 -2.63 -21.83
C LEU B 102 -1.36 -3.75 -22.66
N LEU B 103 -2.61 -4.15 -22.36
CA LEU B 103 -3.23 -5.30 -23.03
C LEU B 103 -4.74 -5.37 -22.73
N GLU B 104 -5.42 -6.36 -23.32
CA GLU B 104 -6.84 -6.59 -23.07
C GLU B 104 -6.96 -7.37 -21.75
N VAL B 105 -7.81 -6.88 -20.83
CA VAL B 105 -7.91 -7.47 -19.50
C VAL B 105 -9.33 -8.02 -19.30
N GLU B 106 -9.42 -9.26 -18.80
CA GLU B 106 -10.70 -9.87 -18.44
C GLU B 106 -10.59 -10.40 -17.02
N VAL B 107 -11.75 -10.63 -16.38
CA VAL B 107 -11.80 -11.21 -15.04
C VAL B 107 -12.56 -12.52 -15.07
N ALA B 108 -12.02 -13.53 -14.38
CA ALA B 108 -12.73 -14.77 -14.10
C ALA B 108 -13.03 -14.83 -12.60
N ILE B 109 -14.30 -15.04 -12.23
CA ILE B 109 -14.73 -14.96 -10.84
C ILE B 109 -14.66 -16.36 -10.21
N GLN B 110 -13.66 -16.58 -9.35
CA GLN B 110 -13.57 -17.76 -8.49
C GLN B 110 -14.39 -17.44 -7.23
N GLU B 111 -15.62 -17.99 -7.13
CA GLU B 111 -16.54 -17.74 -6.01
C GLU B 111 -15.82 -17.92 -4.67
N GLN B 112 -15.12 -19.05 -4.47
CA GLN B 112 -14.41 -19.37 -3.23
C GLN B 112 -12.93 -19.62 -3.51
N ALA B 113 -12.05 -19.13 -2.61
CA ALA B 113 -10.61 -19.24 -2.75
C ALA B 113 -10.14 -20.66 -2.41
N LEU B 114 -10.28 -21.59 -3.37
CA LEU B 114 -9.94 -22.99 -3.16
C LEU B 114 -8.52 -23.32 -3.63
N GLY B 115 -7.67 -22.32 -3.88
CA GLY B 115 -6.26 -22.53 -4.12
C GLY B 115 -5.88 -22.30 -5.59
N LEU B 116 -4.60 -22.51 -5.88
CA LEU B 116 -4.02 -22.05 -7.12
C LEU B 116 -4.52 -22.88 -8.30
N GLY B 117 -4.53 -24.22 -8.18
CA GLY B 117 -5.03 -25.06 -9.25
C GLY B 117 -6.47 -24.72 -9.65
N HIS B 118 -7.33 -24.51 -8.64
CA HIS B 118 -8.72 -24.12 -8.85
C HIS B 118 -8.81 -22.76 -9.55
N ALA B 119 -7.93 -21.81 -9.17
CA ALA B 119 -7.86 -20.50 -9.81
C ALA B 119 -7.50 -20.62 -11.28
N VAL B 120 -6.45 -21.39 -11.63
CA VAL B 120 -6.07 -21.60 -13.03
C VAL B 120 -7.22 -22.24 -13.82
N ALA B 121 -7.86 -23.29 -13.25
CA ALA B 121 -9.00 -23.99 -13.83
C ALA B 121 -10.15 -23.02 -14.14
N CSX B 122 -10.38 -22.04 -13.24
CA CSX B 122 -11.46 -21.07 -13.41
CB CSX B 122 -11.78 -20.30 -12.11
SG CSX B 122 -13.00 -21.14 -11.05
C CSX B 122 -11.19 -20.09 -14.57
O CSX B 122 -12.13 -19.43 -14.99
OD CSX B 122 -12.79 -22.59 -11.16
H CSX B 122 -9.88 -22.00 -12.48
HA CSX B 122 -12.28 -21.59 -13.65
HB2 CSX B 122 -10.95 -20.17 -11.61
HB3 CSX B 122 -12.12 -19.41 -12.34
HG CSX B 122 -12.64 -20.70 -9.93
N ALA B 123 -9.95 -19.97 -15.06
CA ALA B 123 -9.61 -19.15 -16.22
C ALA B 123 -9.99 -19.76 -17.58
N GLU B 124 -10.26 -21.08 -17.65
CA GLU B 124 -10.39 -21.79 -18.92
C GLU B 124 -11.55 -21.23 -19.77
N PRO B 125 -12.73 -20.87 -19.20
CA PRO B 125 -13.75 -20.21 -20.01
C PRO B 125 -13.30 -18.94 -20.77
N ASN B 126 -12.22 -18.28 -20.34
CA ASN B 126 -11.70 -17.04 -20.92
C ASN B 126 -10.68 -17.33 -22.04
N LEU B 127 -10.43 -18.60 -22.33
CA LEU B 127 -9.51 -19.02 -23.37
C LEU B 127 -10.26 -19.34 -24.64
N GLY B 128 -9.53 -19.15 -25.76
CA GLY B 128 -10.01 -19.49 -27.08
C GLY B 128 -9.16 -20.57 -27.74
N PRO B 129 -9.50 -20.98 -28.98
CA PRO B 129 -8.81 -22.07 -29.67
C PRO B 129 -7.32 -21.79 -29.93
N GLU B 130 -6.92 -20.50 -30.00
CA GLU B 130 -5.53 -20.14 -30.20
C GLU B 130 -4.67 -20.31 -28.94
N ASP B 131 -5.28 -20.53 -27.76
CA ASP B 131 -4.53 -20.63 -26.51
C ASP B 131 -4.07 -22.09 -26.28
N ASP B 132 -3.08 -22.55 -27.06
CA ASP B 132 -2.50 -23.88 -26.91
C ASP B 132 -1.57 -23.94 -25.69
N VAL B 133 -1.05 -22.78 -25.27
CA VAL B 133 -0.23 -22.63 -24.07
C VAL B 133 -0.67 -21.32 -23.41
N VAL B 134 -0.57 -21.27 -22.08
CA VAL B 134 -0.91 -20.06 -21.32
C VAL B 134 0.22 -19.76 -20.35
N ALA B 135 0.53 -18.46 -20.14
CA ALA B 135 1.46 -18.03 -19.11
C ALA B 135 0.65 -17.86 -17.83
N VAL B 136 1.29 -18.20 -16.70
CA VAL B 136 0.72 -17.93 -15.40
C VAL B 136 1.79 -17.17 -14.62
N LEU B 137 1.42 -16.01 -14.03
CA LEU B 137 2.31 -15.23 -13.20
C LEU B 137 1.66 -15.04 -11.83
N LEU B 138 2.34 -15.51 -10.79
CA LEU B 138 1.87 -15.24 -9.45
C LEU B 138 2.36 -13.85 -9.06
N PRO B 139 1.42 -12.95 -8.67
CA PRO B 139 1.78 -11.58 -8.35
C PRO B 139 2.61 -11.34 -7.09
N ASP B 140 2.76 -12.35 -6.21
CA ASP B 140 3.66 -12.19 -5.07
C ASP B 140 5.12 -12.39 -5.42
N ASP B 141 5.43 -12.96 -6.60
CA ASP B 141 6.80 -13.06 -7.01
C ASP B 141 7.13 -11.99 -8.04
N LEU B 142 8.18 -11.22 -7.77
CA LEU B 142 8.75 -10.34 -8.78
C LEU B 142 10.05 -10.96 -9.21
N VAL B 143 10.17 -11.23 -10.49
CA VAL B 143 11.33 -11.90 -11.06
C VAL B 143 11.96 -10.88 -11.99
N LEU B 144 13.22 -10.54 -11.69
CA LEU B 144 13.90 -9.37 -12.21
C LEU B 144 15.25 -9.77 -12.84
N PRO B 145 15.67 -9.16 -13.96
CA PRO B 145 14.84 -8.28 -14.79
C PRO B 145 13.75 -9.09 -15.51
N HIS B 146 12.86 -8.40 -16.22
CA HIS B 146 11.91 -8.99 -17.14
C HIS B 146 12.60 -9.96 -18.09
N GLY B 147 11.91 -11.07 -18.39
CA GLY B 147 12.33 -11.96 -19.45
C GLY B 147 12.32 -13.46 -19.13
N ILE B 148 11.92 -13.84 -17.91
CA ILE B 148 11.95 -15.27 -17.60
C ILE B 148 10.96 -16.02 -18.51
N LEU B 149 9.77 -15.45 -18.78
CA LEU B 149 8.82 -16.14 -19.65
C LEU B 149 9.33 -16.34 -21.08
N GLU B 150 10.21 -15.44 -21.55
CA GLU B 150 10.81 -15.61 -22.87
C GLU B 150 11.85 -16.74 -22.87
N ARG B 151 12.59 -16.88 -21.76
CA ARG B 151 13.46 -18.05 -21.60
C ARG B 151 12.63 -19.34 -21.58
N MET B 152 11.52 -19.34 -20.85
CA MET B 152 10.65 -20.50 -20.77
C MET B 152 10.01 -20.83 -22.13
N ALA B 153 9.72 -19.83 -23.00
CA ALA B 153 9.14 -20.05 -24.33
C ALA B 153 10.12 -20.78 -25.26
N LYS B 154 11.42 -20.48 -25.13
CA LYS B 154 12.47 -21.15 -25.86
C LYS B 154 12.52 -22.65 -25.52
N VAL B 155 12.30 -22.96 -24.25
CA VAL B 155 12.31 -24.35 -23.77
C VAL B 155 11.12 -25.08 -24.35
N ARG B 156 9.94 -24.44 -24.36
CA ARG B 156 8.73 -25.00 -24.97
C ARG B 156 8.92 -25.23 -26.47
N ALA B 157 9.54 -24.25 -27.15
CA ALA B 157 9.87 -24.35 -28.57
C ALA B 157 10.67 -25.62 -28.84
N GLU B 158 11.66 -25.90 -27.99
CA GLU B 158 12.58 -27.01 -28.19
C GLU B 158 11.97 -28.35 -27.78
N HIS B 159 11.30 -28.41 -26.61
CA HIS B 159 10.90 -29.67 -25.99
C HIS B 159 9.40 -29.94 -26.08
N GLY B 160 8.56 -28.94 -26.42
CA GLY B 160 7.12 -29.04 -26.25
C GLY B 160 6.70 -29.03 -24.78
N GLY B 161 5.43 -29.36 -24.53
CA GLY B 161 4.95 -29.57 -23.18
C GLY B 161 4.94 -28.25 -22.39
N SER B 162 5.25 -28.39 -21.09
CA SER B 162 4.99 -27.30 -20.15
C SER B 162 6.33 -26.93 -19.52
N VAL B 163 6.40 -25.69 -19.01
CA VAL B 163 7.63 -25.15 -18.46
C VAL B 163 7.35 -24.45 -17.14
N LEU B 164 8.19 -24.77 -16.14
CA LEU B 164 8.16 -24.17 -14.81
C LEU B 164 9.39 -23.30 -14.60
N CYS B 165 9.46 -22.63 -13.43
CA CYS B 165 10.49 -21.70 -13.04
C CYS B 165 10.98 -22.03 -11.63
N ALA B 166 12.29 -21.97 -11.44
CA ALA B 166 12.93 -22.17 -10.16
C ALA B 166 13.90 -21.05 -9.82
N PHE B 167 14.05 -20.83 -8.51
CA PHE B 167 15.18 -20.12 -7.93
C PHE B 167 16.20 -21.15 -7.45
N ASP B 168 17.49 -20.75 -7.44
CA ASP B 168 18.58 -21.62 -6.98
C ASP B 168 18.86 -21.19 -5.54
N ILE B 169 18.43 -22.02 -4.58
CA ILE B 169 18.48 -21.73 -3.15
C ILE B 169 19.26 -22.83 -2.43
N PRO B 170 20.25 -22.51 -1.56
CA PRO B 170 20.95 -23.55 -0.82
C PRO B 170 19.97 -24.41 0.00
N LYS B 171 20.27 -25.71 0.15
CA LYS B 171 19.37 -26.64 0.82
C LYS B 171 19.06 -26.25 2.26
N GLU B 172 20.01 -25.60 2.95
CA GLU B 172 19.78 -25.16 4.32
C GLU B 172 18.84 -23.95 4.39
N GLU B 173 18.47 -23.34 3.24
CA GLU B 173 17.57 -22.20 3.17
C GLU B 173 16.29 -22.50 2.38
N ILE B 174 16.05 -23.75 1.94
CA ILE B 174 15.04 -24.06 0.93
C ILE B 174 13.73 -24.61 1.51
N SER B 175 13.67 -24.86 2.83
CA SER B 175 12.60 -25.69 3.39
C SER B 175 11.20 -25.07 3.32
N ALA B 176 11.08 -23.75 3.09
CA ALA B 176 9.79 -23.09 2.88
C ALA B 176 9.20 -23.33 1.50
N TYR B 177 9.99 -23.90 0.56
CA TYR B 177 9.61 -24.01 -0.83
C TYR B 177 9.25 -25.44 -1.24
N GLY B 178 8.51 -25.53 -2.36
CA GLY B 178 8.51 -26.75 -3.15
C GLY B 178 9.83 -26.88 -3.89
N VAL B 179 10.35 -28.10 -3.99
CA VAL B 179 11.69 -28.33 -4.50
C VAL B 179 11.61 -29.43 -5.55
N PHE B 180 12.18 -29.12 -6.73
CA PHE B 180 12.11 -30.04 -7.87
C PHE B 180 13.10 -31.19 -7.74
N ASP B 181 12.63 -32.36 -8.20
CA ASP B 181 13.48 -33.51 -8.49
C ASP B 181 13.74 -33.45 -9.99
N VAL B 182 15.03 -33.41 -10.38
CA VAL B 182 15.38 -32.99 -11.72
C VAL B 182 16.42 -33.93 -12.33
N SER B 183 16.56 -33.80 -13.67
CA SER B 183 17.74 -34.27 -14.37
C SER B 183 18.28 -33.16 -15.27
N ASP B 184 19.55 -33.30 -15.64
CA ASP B 184 20.23 -32.29 -16.42
C ASP B 184 19.76 -32.33 -17.87
N THR B 185 19.91 -31.16 -18.53
CA THR B 185 19.81 -31.05 -19.98
C THR B 185 21.14 -30.51 -20.48
N ASP B 186 21.18 -30.17 -21.75
CA ASP B 186 22.36 -29.56 -22.36
C ASP B 186 22.53 -28.10 -21.95
N ASP B 187 21.48 -27.45 -21.40
CA ASP B 187 21.58 -26.09 -20.88
C ASP B 187 21.63 -26.17 -19.36
N ALA B 188 22.66 -25.57 -18.75
CA ALA B 188 22.86 -25.53 -17.31
C ALA B 188 21.70 -24.88 -16.56
N ASP B 189 20.89 -24.06 -17.21
CA ASP B 189 19.77 -23.40 -16.56
C ASP B 189 18.44 -24.08 -16.87
N VAL B 190 18.46 -25.23 -17.54
CA VAL B 190 17.22 -25.90 -17.92
C VAL B 190 17.33 -27.34 -17.39
N LYS B 191 16.31 -27.78 -16.65
CA LYS B 191 16.27 -29.14 -16.12
C LYS B 191 14.97 -29.81 -16.53
N ARG B 192 15.02 -31.15 -16.66
CA ARG B 192 13.80 -31.90 -16.82
C ARG B 192 13.23 -32.09 -15.43
N VAL B 193 11.92 -31.89 -15.28
CA VAL B 193 11.26 -32.10 -14.01
C VAL B 193 10.74 -33.53 -13.95
N HIS B 194 11.10 -34.25 -12.88
CA HIS B 194 10.60 -35.57 -12.58
C HIS B 194 9.48 -35.51 -11.54
N GLY B 195 9.49 -34.48 -10.70
CA GLY B 195 8.57 -34.39 -9.60
C GLY B 195 8.91 -33.22 -8.71
N MET B 196 8.11 -33.05 -7.64
CA MET B 196 8.34 -31.97 -6.70
C MET B 196 8.05 -32.48 -5.30
N VAL B 197 8.85 -32.02 -4.32
CA VAL B 197 8.70 -32.38 -2.92
C VAL B 197 8.35 -31.10 -2.18
N GLU B 198 7.27 -31.12 -1.37
CA GLU B 198 6.77 -29.94 -0.68
C GLU B 198 7.54 -29.76 0.64
N LYS B 199 8.22 -28.62 0.79
CA LYS B 199 8.85 -28.20 2.04
C LYS B 199 9.71 -29.28 2.65
N PRO B 200 10.72 -29.78 1.90
CA PRO B 200 11.61 -30.80 2.42
C PRO B 200 12.60 -30.23 3.44
N PRO B 201 12.95 -30.97 4.53
CA PRO B 201 14.10 -30.60 5.35
C PRO B 201 15.31 -30.63 4.43
N ALA B 202 16.35 -29.89 4.82
CA ALA B 202 17.58 -29.68 4.07
C ALA B 202 18.15 -30.99 3.53
N GLU B 203 18.28 -31.99 4.41
CA GLU B 203 18.90 -33.26 4.04
C GLU B 203 18.00 -34.11 3.13
N GLN B 204 16.70 -33.81 2.99
CA GLN B 204 15.78 -34.53 2.10
C GLN B 204 15.45 -33.71 0.82
N ALA B 205 16.01 -32.51 0.67
CA ALA B 205 15.71 -31.71 -0.51
C ALA B 205 16.32 -32.39 -1.73
N PRO B 206 15.57 -32.66 -2.84
CA PRO B 206 16.16 -33.38 -3.99
C PRO B 206 17.10 -32.56 -4.87
N SER B 207 17.12 -31.25 -4.68
CA SER B 207 17.90 -30.32 -5.49
C SER B 207 17.94 -28.99 -4.75
N THR B 208 18.62 -27.99 -5.35
CA THR B 208 18.56 -26.61 -4.86
C THR B 208 17.53 -25.77 -5.65
N PHE B 209 16.63 -26.41 -6.41
CA PHE B 209 15.78 -25.69 -7.34
C PHE B 209 14.40 -25.56 -6.73
N ALA B 210 14.13 -24.34 -6.21
CA ALA B 210 12.89 -24.03 -5.51
C ALA B 210 11.86 -23.44 -6.49
N ALA B 211 10.62 -23.97 -6.46
CA ALA B 211 9.53 -23.59 -7.34
C ALA B 211 9.18 -22.10 -7.16
N ALA B 212 9.21 -21.38 -8.27
CA ALA B 212 8.91 -19.95 -8.40
C ALA B 212 7.61 -19.78 -9.15
N GLY B 213 6.91 -18.64 -8.93
CA GLY B 213 5.56 -18.48 -9.47
C GLY B 213 5.50 -17.95 -10.89
N ARG B 214 6.19 -18.61 -11.83
CA ARG B 214 6.04 -18.38 -13.26
C ARG B 214 5.84 -19.71 -13.95
N TYR B 215 4.88 -19.78 -14.88
CA TYR B 215 4.54 -21.04 -15.56
C TYR B 215 4.21 -20.76 -17.01
N LEU B 216 4.61 -21.68 -17.91
CA LEU B 216 4.06 -21.77 -19.27
C LEU B 216 3.39 -23.12 -19.38
N LEU B 217 2.05 -23.16 -19.34
CA LEU B 217 1.35 -24.42 -19.24
C LEU B 217 0.67 -24.69 -20.57
N ASP B 218 0.95 -25.85 -21.13
CA ASP B 218 0.17 -26.40 -22.22
C ASP B 218 -1.30 -26.56 -21.79
N ARG B 219 -2.21 -26.36 -22.75
CA ARG B 219 -3.65 -26.51 -22.60
C ARG B 219 -4.05 -27.84 -21.95
N ALA B 220 -3.22 -28.90 -22.08
CA ALA B 220 -3.43 -30.17 -21.38
C ALA B 220 -3.60 -30.04 -19.86
N ILE B 221 -3.11 -28.94 -19.24
CA ILE B 221 -3.22 -28.75 -17.80
C ILE B 221 -4.68 -28.74 -17.36
N PHE B 222 -5.60 -28.23 -18.18
CA PHE B 222 -7.00 -28.10 -17.75
C PHE B 222 -7.67 -29.46 -17.64
N ASP B 223 -7.47 -30.31 -18.67
CA ASP B 223 -7.93 -31.70 -18.58
C ASP B 223 -7.32 -32.39 -17.35
N ALA B 224 -6.01 -32.18 -17.07
CA ALA B 224 -5.39 -32.77 -15.89
C ALA B 224 -6.01 -32.26 -14.58
N LEU B 225 -6.31 -30.96 -14.52
CA LEU B 225 -6.95 -30.36 -13.34
C LEU B 225 -8.36 -30.94 -13.10
N ARG B 226 -9.08 -31.35 -14.17
CA ARG B 226 -10.38 -32.00 -14.04
C ARG B 226 -10.27 -33.46 -13.56
N ARG B 227 -9.09 -34.08 -13.66
CA ARG B 227 -8.96 -35.52 -13.43
C ARG B 227 -8.26 -35.86 -12.12
N ILE B 228 -7.63 -34.88 -11.46
CA ILE B 228 -7.01 -35.08 -10.16
C ILE B 228 -8.07 -35.11 -9.06
N GLU B 229 -7.74 -35.79 -7.95
CA GLU B 229 -8.63 -35.93 -6.80
C GLU B 229 -8.74 -34.57 -6.12
N PRO B 230 -9.95 -33.96 -6.02
CA PRO B 230 -10.12 -32.69 -5.29
C PRO B 230 -9.79 -32.89 -3.81
N GLY B 231 -9.38 -31.81 -3.13
CA GLY B 231 -8.99 -31.83 -1.73
C GLY B 231 -10.17 -31.63 -0.78
N ALA B 232 -9.86 -31.19 0.46
CA ALA B 232 -10.80 -30.99 1.56
C ALA B 232 -12.10 -30.34 1.17
N GLU B 235 -10.39 -28.11 -3.06
CA GLU B 235 -9.06 -27.58 -3.46
C GLU B 235 -8.51 -28.43 -4.60
N LEU B 236 -7.88 -27.80 -5.59
CA LEU B 236 -7.20 -28.50 -6.67
C LEU B 236 -5.75 -28.07 -6.62
N GLN B 237 -4.84 -29.02 -6.36
CA GLN B 237 -3.41 -28.74 -6.28
CA GLN B 237 -3.42 -28.72 -6.28
C GLN B 237 -2.80 -28.77 -7.68
N LEU B 238 -2.34 -27.60 -8.16
CA LEU B 238 -1.68 -27.49 -9.45
C LEU B 238 -0.50 -28.46 -9.55
N THR B 239 0.26 -28.68 -8.46
CA THR B 239 1.37 -29.63 -8.49
C THR B 239 0.88 -31.04 -8.80
N ASP B 240 -0.30 -31.44 -8.29
CA ASP B 240 -0.85 -32.75 -8.56
C ASP B 240 -1.21 -32.90 -10.05
N ALA B 241 -1.72 -31.82 -10.66
CA ALA B 241 -2.06 -31.84 -12.08
C ALA B 241 -0.79 -31.92 -12.93
N VAL B 242 0.26 -31.19 -12.51
CA VAL B 242 1.56 -31.30 -13.18
C VAL B 242 2.14 -32.71 -13.00
N ALA B 243 2.05 -33.32 -11.80
CA ALA B 243 2.57 -34.69 -11.63
C ALA B 243 1.82 -35.69 -12.50
N LEU B 244 0.50 -35.48 -12.69
CA LEU B 244 -0.29 -36.35 -13.56
C LEU B 244 0.20 -36.24 -15.00
N LEU B 245 0.44 -35.01 -15.47
CA LEU B 245 0.99 -34.81 -16.81
C LEU B 245 2.31 -35.56 -16.94
N ILE B 246 3.20 -35.42 -15.96
CA ILE B 246 4.52 -36.03 -16.01
C ILE B 246 4.37 -37.55 -16.09
N GLN B 247 3.50 -38.12 -15.21
CA GLN B 247 3.20 -39.57 -15.16
C GLN B 247 2.73 -40.06 -16.53
N GLU B 248 1.98 -39.22 -17.25
CA GLU B 248 1.42 -39.55 -18.57
C GLU B 248 2.37 -39.20 -19.71
N GLY B 249 3.58 -38.75 -19.45
CA GLY B 249 4.57 -38.54 -20.50
C GLY B 249 4.59 -37.15 -21.14
N HIS B 250 3.86 -36.18 -20.54
CA HIS B 250 3.92 -34.80 -20.96
C HIS B 250 5.27 -34.22 -20.57
N PRO B 251 6.06 -33.63 -21.49
CA PRO B 251 7.35 -33.06 -21.12
C PRO B 251 7.19 -31.84 -20.20
N VAL B 252 7.89 -31.87 -19.05
CA VAL B 252 7.86 -30.74 -18.13
C VAL B 252 9.31 -30.42 -17.85
N HIS B 253 9.72 -29.19 -18.13
CA HIS B 253 11.04 -28.69 -17.83
C HIS B 253 10.93 -27.46 -16.92
N VAL B 254 12.06 -27.10 -16.33
CA VAL B 254 12.17 -25.92 -15.46
C VAL B 254 13.37 -25.08 -15.89
N VAL B 255 13.14 -23.75 -15.92
CA VAL B 255 14.19 -22.76 -16.12
C VAL B 255 14.57 -22.19 -14.76
N VAL B 256 15.88 -22.15 -14.52
CA VAL B 256 16.46 -21.61 -13.31
C VAL B 256 16.71 -20.13 -13.56
N HIS B 257 16.01 -19.28 -12.81
CA HIS B 257 16.26 -17.84 -12.84
C HIS B 257 17.59 -17.52 -12.15
N ARG B 258 18.43 -16.72 -12.80
CA ARG B 258 19.74 -16.36 -12.26
C ARG B 258 19.76 -14.92 -11.71
N GLY B 259 18.75 -14.12 -12.04
CA GLY B 259 18.70 -12.74 -11.57
C GLY B 259 18.25 -12.56 -10.11
N ASP B 260 17.70 -11.37 -9.88
CA ASP B 260 17.18 -10.99 -8.58
C ASP B 260 15.70 -11.33 -8.50
N ARG B 261 15.18 -11.18 -7.29
CA ARG B 261 13.78 -11.47 -7.06
CA ARG B 261 13.79 -11.49 -7.04
C ARG B 261 13.33 -10.74 -5.81
N HIS B 262 12.03 -10.48 -5.76
CA HIS B 262 11.40 -9.99 -4.55
C HIS B 262 10.18 -10.85 -4.25
N ASP B 263 9.85 -10.90 -2.97
CA ASP B 263 8.78 -11.69 -2.40
C ASP B 263 7.79 -10.73 -1.77
N LEU B 264 6.63 -10.52 -2.42
CA LEU B 264 5.59 -9.62 -1.86
C LEU B 264 4.55 -10.37 -1.03
N GLY B 265 4.83 -11.62 -0.64
CA GLY B 265 3.84 -12.40 0.09
C GLY B 265 3.69 -12.05 1.56
N ASN B 266 4.57 -11.19 2.12
CA ASN B 266 4.44 -10.71 3.49
C ASN B 266 4.96 -9.27 3.58
N PRO B 267 4.49 -8.47 4.58
CA PRO B 267 4.97 -7.10 4.71
C PRO B 267 6.49 -6.89 4.74
N GLY B 268 7.27 -7.80 5.30
CA GLY B 268 8.72 -7.65 5.34
C GLY B 268 9.35 -7.74 3.95
N GLY B 269 9.04 -8.79 3.18
CA GLY B 269 9.55 -8.89 1.82
C GLY B 269 9.02 -7.76 0.92
N PHE B 270 7.78 -7.29 1.18
CA PHE B 270 7.21 -6.17 0.45
C PHE B 270 8.03 -4.87 0.68
N LEU B 271 8.35 -4.57 1.95
CA LEU B 271 9.15 -3.42 2.33
C LEU B 271 10.56 -3.49 1.73
N ARG B 272 11.16 -4.69 1.62
CA ARG B 272 12.46 -4.84 1.00
CA ARG B 272 12.47 -4.79 1.00
C ARG B 272 12.38 -4.41 -0.47
N ALA B 273 11.31 -4.85 -1.14
CA ALA B 273 11.07 -4.52 -2.56
C ALA B 273 10.96 -3.00 -2.74
N ALA B 274 10.14 -2.39 -1.90
CA ALA B 274 9.89 -0.94 -2.01
C ALA B 274 11.16 -0.12 -1.73
N VAL B 275 11.94 -0.52 -0.73
CA VAL B 275 13.17 0.16 -0.39
C VAL B 275 14.17 -0.04 -1.52
N ASP B 276 14.31 -1.27 -2.03
CA ASP B 276 15.21 -1.52 -3.13
C ASP B 276 14.86 -0.62 -4.33
N PHE B 277 13.60 -0.55 -4.68
CA PHE B 277 13.22 0.25 -5.84
C PHE B 277 13.41 1.74 -5.53
N ALA B 278 13.01 2.19 -4.35
CA ALA B 278 13.11 3.63 -4.03
C ALA B 278 14.55 4.10 -4.03
N LEU B 279 15.51 3.26 -3.60
CA LEU B 279 16.91 3.62 -3.56
C LEU B 279 17.50 3.86 -4.96
N GLN B 280 16.87 3.30 -5.98
CA GLN B 280 17.25 3.49 -7.38
C GLN B 280 16.50 4.62 -8.07
N ASP B 281 15.59 5.28 -7.37
CA ASP B 281 14.75 6.34 -7.92
C ASP B 281 15.32 7.65 -7.42
N PRO B 282 15.86 8.54 -8.30
CA PRO B 282 16.36 9.82 -7.84
C PRO B 282 15.42 10.72 -7.07
N ASP B 283 14.09 10.57 -7.23
CA ASP B 283 13.16 11.33 -6.43
C ASP B 283 13.21 11.00 -4.93
N TYR B 284 13.66 9.80 -4.61
CA TYR B 284 13.62 9.34 -3.22
C TYR B 284 14.96 8.85 -2.72
N GLY B 285 15.77 8.19 -3.57
CA GLY B 285 16.90 7.39 -3.14
C GLY B 285 17.89 8.09 -2.20
N PRO B 286 18.49 9.22 -2.58
CA PRO B 286 19.54 9.86 -1.77
C PRO B 286 19.16 10.23 -0.35
N GLU B 287 18.00 10.85 -0.21
CA GLU B 287 17.44 11.23 1.07
C GLU B 287 17.06 9.98 1.89
N LEU B 288 16.49 8.97 1.23
CA LEU B 288 16.13 7.71 1.92
C LEU B 288 17.41 7.03 2.42
N ARG B 289 18.42 6.93 1.58
CA ARG B 289 19.66 6.26 1.94
C ARG B 289 20.30 6.96 3.15
N ALA B 290 20.34 8.30 3.13
CA ALA B 290 20.93 9.07 4.24
C ALA B 290 20.15 8.85 5.53
N TRP B 291 18.82 8.83 5.42
CA TRP B 291 17.96 8.56 6.57
C TRP B 291 18.19 7.15 7.12
N LEU B 292 18.26 6.15 6.24
CA LEU B 292 18.42 4.76 6.62
C LEU B 292 19.75 4.55 7.35
N THR B 293 20.81 5.22 6.85
CA THR B 293 22.15 5.10 7.42
C THR B 293 22.12 5.45 8.89
N ASP B 294 21.47 6.56 9.23
CA ASP B 294 21.31 6.97 10.61
C ASP B 294 20.37 6.03 11.36
N ARG B 295 19.24 5.67 10.74
CA ARG B 295 18.19 4.94 11.43
C ARG B 295 18.64 3.56 11.90
N ILE B 296 19.36 2.80 11.06
CA ILE B 296 19.79 1.45 11.41
C ILE B 296 20.84 1.44 12.53
N ALA B 297 21.52 2.55 12.80
CA ALA B 297 22.48 2.63 13.91
C ALA B 297 21.81 2.77 15.28
N ARG B 298 20.46 2.87 15.39
CA ARG B 298 19.77 2.92 16.68
C ARG B 298 18.58 1.93 16.71
N PRO B 299 18.02 1.58 17.90
CA PRO B 299 16.88 0.64 17.96
C PRO B 299 15.63 1.21 17.24
N1 UPG C . -7.88 17.59 1.36
C2 UPG C . -9.24 17.38 1.32
N3 UPG C . -9.89 18.06 0.32
C4 UPG C . -9.34 18.90 -0.61
C5 UPG C . -7.92 19.04 -0.53
C6 UPG C . -7.25 18.38 0.44
O2 UPG C . -9.82 16.66 2.10
O4 UPG C . -10.07 19.50 -1.40
C1C UPG C . -7.11 16.86 2.37
C2C UPG C . -6.00 16.01 1.75
O2C UPG C . -6.64 14.85 1.28
C3C UPG C . -5.08 15.83 2.95
C4C UPG C . -5.31 17.12 3.78
O4C UPG C . -6.50 17.76 3.25
O3C UPG C . -5.46 14.63 3.59
C5C UPG C . -4.22 18.15 3.68
O5C UPG C . -4.08 18.47 2.30
PA UPG C . -2.61 18.60 1.68
O1A UPG C . -2.70 18.94 0.23
O2A UPG C . -1.84 17.35 2.01
O3A UPG C . -2.08 19.85 2.54
PB UPG C . -0.59 20.42 2.75
O1B UPG C . -0.15 21.07 1.47
O2B UPG C . 0.30 19.37 3.39
O3B UPG C . -0.79 21.58 3.86
C1' UPG C . -1.67 21.48 4.95
C2' UPG C . -1.88 22.86 5.57
C3' UPG C . -0.55 23.40 6.11
C4' UPG C . -0.01 22.43 7.15
C5' UPG C . 0.11 21.00 6.58
C6' UPG C . 0.35 19.93 7.62
O2' UPG C . -2.49 23.70 4.61
O3' UPG C . -0.67 24.70 6.70
O4' UPG C . 1.29 22.91 7.46
O5' UPG C . -1.11 20.58 5.90
O6' UPG C . 0.57 18.68 6.96
HN3 UPG C . -10.76 17.98 0.33
H5 UPG C . -7.46 19.60 -1.12
H6 UPG C . -6.32 18.48 0.48
H1C UPG C . -7.70 16.26 2.89
H2C UPG C . -5.53 16.47 1.02
HO2C UPG C . -6.37 14.18 1.78
H3C UPG C . -4.13 15.79 2.65
H4C UPG C . -5.45 16.90 4.72
HO3C UPG C . -5.77 14.82 4.36
H5C1 UPG C . -3.39 17.78 4.05
H5C2 UPG C . -4.47 18.95 4.20
H1' UPG C . -2.54 21.11 4.65
H2' UPG C . -2.51 22.76 6.32
H3' UPG C . 0.10 23.45 5.37
H4' UPG C . -0.59 22.44 7.95
H5' UPG C . 0.85 20.99 5.94
H6'1 UPG C . -0.45 19.85 8.20
H6'2 UPG C . 1.10 20.16 8.18
HO2' UPG C . -1.99 24.40 4.52
HO3' UPG C . -0.43 24.65 7.52
HO4' UPG C . 1.82 22.29 7.34
HO6' UPG C . 0.51 18.78 6.11
C1 EDO D . 2.85 15.16 -8.31
O1 EDO D . 1.82 14.35 -8.34
C2 EDO D . 3.94 14.79 -9.18
O2 EDO D . 4.89 15.75 -9.05
H11 EDO D . 3.18 15.23 -7.39
H12 EDO D . 2.56 16.05 -8.57
HO1 EDO D . 1.21 14.65 -7.80
H21 EDO D . 3.63 14.74 -10.11
H22 EDO D . 4.31 13.92 -8.91
HO2 EDO D . 5.19 15.79 -8.26
C1 EDO E . 6.63 11.66 -8.73
C1 EDO E . 6.40 11.75 -8.89
O1 EDO E . 5.78 11.22 -7.68
O1 EDO E . 5.76 11.38 -7.68
C2 EDO E . 7.57 12.75 -8.35
C2 EDO E . 7.42 12.78 -8.64
O2 EDO E . 6.96 14.03 -8.26
O2 EDO E . 8.20 12.36 -7.52
H11 EDO E . 6.08 11.98 -9.48
H11 EDO E . 5.73 12.11 -9.52
H12 EDO E . 7.16 10.91 -9.06
H12 EDO E . 6.83 10.97 -9.29
HO1 EDO E . 5.24 10.60 -7.97
HO1 EDO E . 5.17 10.78 -7.81
H21 EDO E . 8.30 12.80 -9.00
H21 EDO E . 6.99 13.64 -8.45
H22 EDO E . 7.96 12.53 -7.48
H22 EDO E . 8.00 12.89 -9.43
HO2 EDO E . 6.33 13.99 -7.72
HO2 EDO E . 8.19 11.53 -7.47
C1 EDO F . 0.22 21.34 27.65
C1 EDO F . 0.60 21.98 27.34
O1 EDO F . 0.80 20.05 27.41
O1 EDO F . -0.75 22.11 26.99
C2 EDO F . 0.84 22.38 26.80
C2 EDO F . 0.92 20.56 27.57
O2 EDO F . 2.25 22.34 26.87
O2 EDO F . 0.05 19.89 28.48
H11 EDO F . 0.32 21.59 28.59
H11 EDO F . 0.77 22.48 28.16
H12 EDO F . -0.75 21.31 27.44
H12 EDO F . 1.17 22.34 26.63
HO1 EDO F . 0.42 19.49 27.91
HO1 EDO F . -0.94 22.93 26.91
H21 EDO F . 0.55 23.27 27.09
H21 EDO F . 1.83 20.48 27.88
H22 EDO F . 0.56 22.25 25.87
H22 EDO F . 0.85 20.10 26.71
HO2 EDO F . 2.49 22.26 27.67
HO2 EDO F . 0.18 20.20 29.25
C1 EDO G . 12.13 -4.96 17.74
O1 EDO G . 12.92 -4.55 18.81
C2 EDO G . 12.78 -5.88 16.81
O2 EDO G . 13.34 -6.98 17.50
H11 EDO G . 11.87 -4.17 17.24
H12 EDO G . 11.31 -5.39 18.08
HO1 EDO G . 12.51 -4.03 19.32
H21 EDO G . 13.49 -5.40 16.34
H22 EDO G . 12.13 -6.19 16.16
HO2 EDO G . 14.08 -6.76 17.83
C1 PEG H . 3.77 40.29 17.54
O1 PEG H . 4.31 41.47 17.07
C2 PEG H . 4.64 39.08 17.41
O2 PEG H . 5.92 39.34 16.82
C3 PEG H . 6.77 38.20 16.90
C4 PEG H . 8.07 38.44 16.14
O4 PEG H . 7.86 38.90 14.81
H11 PEG H . 2.95 40.13 17.04
H12 PEG H . 3.52 40.39 18.49
HO1 PEG H . 3.74 42.09 17.16
H21 PEG H . 4.17 38.41 16.86
H22 PEG H . 4.77 38.68 18.30
H31 PEG H . 6.32 37.43 16.54
H32 PEG H . 6.98 38.02 17.84
H41 PEG H . 8.58 37.60 16.10
H42 PEG H . 8.60 39.10 16.62
HO4 PEG H . 7.42 38.32 14.38
C1 EDO I . 2.84 15.89 22.58
O1 EDO I . 3.99 16.43 22.03
C2 EDO I . 2.24 14.61 22.18
O2 EDO I . 3.06 13.50 22.00
H11 EDO I . 2.14 16.54 22.45
H12 EDO I . 3.01 15.80 23.54
HO1 EDO I . 4.20 17.17 22.38
H21 EDO I . 1.76 14.75 21.34
H22 EDO I . 1.57 14.37 22.85
HO2 EDO I . 3.54 13.38 22.69
C1 EDO J . -20.57 29.81 15.98
O1 EDO J . -19.73 30.71 16.13
C2 EDO J . -20.10 28.93 17.07
O2 EDO J . -20.43 29.10 18.44
H11 EDO J . -20.49 29.38 15.10
H12 EDO J . -21.48 30.14 16.13
HO1 EDO J . -19.72 31.43 15.62
H21 EDO J . -19.12 28.92 17.03
H22 EDO J . -20.39 28.04 16.83
HO2 EDO J . -20.13 29.85 18.70
C1 EDO K . 12.07 7.97 13.65
O1 EDO K . 11.02 7.98 14.60
C2 EDO K . 11.82 8.56 12.32
O2 EDO K . 12.72 9.59 11.88
H11 EDO K . 12.38 7.04 13.53
H12 EDO K . 12.80 8.48 14.05
HO1 EDO K . 11.36 7.58 15.26
H21 EDO K . 10.92 8.94 12.35
H22 EDO K . 11.82 7.84 11.67
HO2 EDO K . 13.50 9.42 12.14
C1 EDO L . -0.92 26.73 3.91
O1 EDO L . -0.98 25.45 3.29
C2 EDO L . -1.08 27.80 2.90
O2 EDO L . -0.91 29.12 3.41
H11 EDO L . -0.07 26.83 4.36
H12 EDO L . -1.64 26.80 4.57
HO1 EDO L . -0.88 24.87 3.89
H21 EDO L . -1.98 27.73 2.51
H22 EDO L . -0.44 27.65 2.18
HO2 EDO L . -1.48 29.27 4.02
C1 EDO M . -27.36 20.63 15.13
O1 EDO M . -27.28 21.51 14.02
C2 EDO M . -28.51 19.68 15.19
O2 EDO M . -28.15 18.37 14.87
H11 EDO M . -27.36 21.16 15.95
H12 EDO M . -26.55 20.10 15.13
HO1 EDO M . -26.57 22.00 14.05
H21 EDO M . -29.20 19.99 14.58
H22 EDO M . -28.87 19.68 16.10
HO2 EDO M . -28.11 18.29 14.04
C1 EDO N . 17.38 -7.22 -2.62
O1 EDO N . 17.64 -5.98 -3.27
C2 EDO N . 18.64 -7.77 -2.05
O2 EDO N . 19.47 -6.80 -1.41
H11 EDO N . 17.02 -7.86 -3.27
H12 EDO N . 16.71 -7.11 -1.92
HO1 EDO N . 16.99 -5.66 -3.61
H21 EDO N . 19.15 -8.19 -2.77
H22 EDO N . 18.42 -8.48 -1.40
HO2 EDO N . 18.99 -6.22 -1.02
C1 EDO O . -9.11 -0.83 -2.93
O1 EDO O . -8.89 -0.36 -4.18
C2 EDO O . -9.31 0.18 -1.94
O2 EDO O . -10.63 0.30 -1.51
H11 EDO O . -8.33 -1.35 -2.67
H12 EDO O . -9.89 -1.43 -2.95
HO1 EDO O . -8.79 -0.99 -4.69
H21 EDO O . -9.03 1.02 -2.31
H22 EDO O . -8.74 -0.01 -1.16
HO2 EDO O . -11.09 0.64 -2.13
C1 EDO P . -5.08 20.91 0.34
O1 EDO P . -4.63 20.18 -0.80
C2 EDO P . -4.63 22.30 0.40
O2 EDO P . -5.69 23.11 0.69
H11 EDO P . -4.78 20.46 1.16
H12 EDO P . -6.05 20.91 0.34
HO1 EDO P . -4.96 19.43 -0.75
H21 EDO P . -4.24 22.55 -0.47
H22 EDO P . -3.95 22.39 1.09
HO2 EDO P . -5.46 23.92 0.56
C1 EDO Q . 3.42 3.27 0.17
O1 EDO Q . 2.14 3.83 0.41
C2 EDO Q . 4.24 4.03 -0.80
O2 EDO Q . 5.56 3.93 -0.56
H11 EDO Q . 3.30 2.36 -0.19
H12 EDO Q . 3.90 3.20 1.01
HO1 EDO Q . 1.66 3.32 0.87
H21 EDO Q . 3.98 4.95 -0.79
H22 EDO Q . 4.05 3.67 -1.69
HO2 EDO Q . 5.84 3.16 -0.74
C1 PEG R . -17.40 2.77 12.96
O1 PEG R . -16.85 1.92 13.91
C2 PEG R . -18.90 2.70 12.87
O2 PEG R . -19.29 2.14 11.61
C3 PEG R . -19.43 3.05 10.51
C4 PEG R . -18.32 2.83 9.50
O4 PEG R . -18.57 3.47 8.26
H11 PEG R . -17.02 2.57 12.09
H12 PEG R . -17.15 3.68 13.19
HO1 PEG R . -16.02 1.86 14.04
H21 PEG R . -19.29 3.59 12.98
H22 PEG R . -19.24 2.13 13.59
H31 PEG R . -19.39 3.97 10.83
H32 PEG R . -20.29 2.91 10.08
H41 PEG R . -18.19 1.88 9.35
H42 PEG R . -17.48 3.19 9.87
HO4 PEG R . -18.52 4.31 8.36
C1 EDO S . -24.55 15.37 14.69
O1 EDO S . -25.44 14.63 13.86
C2 EDO S . -24.89 15.24 16.13
O2 EDO S . -23.93 14.45 16.81
H11 EDO S . -24.59 16.32 14.43
H12 EDO S . -23.65 15.05 14.55
HO1 EDO S . -25.16 14.66 13.10
H21 EDO S . -25.78 14.83 16.21
H22 EDO S . -24.93 16.12 16.53
HO2 EDO S . -24.04 13.64 16.60
S SCN T . 4.63 -3.67 3.88
C SCN T . 4.60 -2.41 2.98
N SCN T . 4.55 -1.52 2.31
C1 EDO U . -15.62 47.37 15.85
O1 EDO U . -15.82 47.62 17.24
C2 EDO U . -14.53 46.44 15.55
O2 EDO U . -13.70 46.82 14.47
H11 EDO U . -15.44 48.22 15.40
H12 EDO U . -16.46 47.02 15.47
HO1 EDO U . -16.42 48.13 17.36
H21 EDO U . -14.92 45.56 15.34
H22 EDO U . -13.98 46.34 16.35
HO2 EDO U . -14.16 46.85 13.77
MG MG V . 0.02 17.34 3.46
C1 PEG W . 15.17 -41.89 -11.20
C1 PEG W . 15.55 -41.67 -12.44
O1 PEG W . 14.47 -42.50 -10.11
O1 PEG W . 15.68 -43.06 -12.65
C2 PEG W . 15.88 -40.59 -10.82
C2 PEG W . 15.11 -41.35 -11.04
O2 PEG W . 16.04 -39.80 -11.99
O2 PEG W . 14.97 -39.95 -10.87
C3 PEG W . 16.47 -38.47 -11.75
C3 PEG W . 15.96 -39.17 -11.55
C4 PEG W . 15.85 -37.95 -10.51
C4 PEG W . 15.77 -37.69 -11.26
O4 PEG W . 16.81 -37.55 -9.56
O4 PEG W . 16.63 -37.21 -10.23
H11 PEG W . 14.55 -41.72 -11.93
H11 PEG W . 14.90 -41.30 -13.07
H12 PEG W . 15.84 -42.53 -11.52
H12 PEG W . 16.41 -41.23 -12.61
HO1 PEG W . 14.00 -43.12 -10.48
HO1 PEG W . 15.94 -43.28 -13.30
H21 PEG W . 16.75 -40.80 -10.43
H21 PEG W . 15.76 -41.71 -10.41
H22 PEG W . 15.35 -40.11 -10.16
H22 PEG W . 14.24 -41.79 -10.87
H31 PEG W . 16.22 -37.90 -12.51
H31 PEG W . 15.89 -39.33 -12.52
H32 PEG W . 17.45 -38.45 -11.66
H32 PEG W . 16.85 -39.45 -11.26
H41 PEG W . 15.30 -38.66 -10.12
H41 PEG W . 14.85 -37.52 -11.01
H42 PEG W . 15.28 -37.19 -10.73
H42 PEG W . 15.96 -37.18 -12.09
HO4 PEG W . 17.57 -37.52 -9.93
HO4 PEG W . 17.12 -37.85 -9.96
C1 EDO X . 5.95 -30.08 -10.40
O1 EDO X . 4.97 -29.14 -9.91
C2 EDO X . 5.82 -31.53 -10.13
O2 EDO X . 4.55 -32.02 -9.65
H11 EDO X . 6.81 -29.81 -10.06
H12 EDO X . 5.99 -29.97 -11.38
HO1 EDO X . 5.21 -28.39 -10.13
H21 EDO X . 6.50 -31.78 -9.48
H22 EDO X . 6.03 -32.00 -10.96
HO2 EDO X . 3.98 -31.99 -10.27
C1 EDO Y . 19.74 6.43 -8.37
O1 EDO Y . 19.95 7.28 -9.47
C2 EDO Y . 18.96 7.08 -7.33
O2 EDO Y . 19.70 8.14 -6.71
H11 EDO Y . 20.61 6.16 -7.99
H12 EDO Y . 19.27 5.62 -8.66
HO1 EDO Y . 20.42 6.82 -10.05
H21 EDO Y . 18.70 6.43 -6.65
H22 EDO Y . 18.15 7.44 -7.73
HO2 EDO Y . 19.63 8.85 -7.19
C1 EDO Z . 1.40 23.28 -18.19
O1 EDO Z . 1.26 22.81 -19.51
C2 EDO Z . 0.14 23.71 -17.58
O2 EDO Z . 0.32 24.05 -16.23
H11 EDO Z . 2.02 24.05 -18.19
H12 EDO Z . 1.78 22.58 -17.65
HO1 EDO Z . 2.09 22.68 -19.67
H21 EDO Z . -0.50 22.97 -17.65
H22 EDO Z . -0.21 24.48 -18.08
HO2 EDO Z . 0.68 24.82 -16.18
C1 PEG AA . -3.14 -18.42 -5.93
O1 PEG AA . -1.81 -18.09 -5.58
C2 PEG AA . -4.10 -17.35 -5.53
O2 PEG AA . -5.23 -17.33 -6.39
C3 PEG AA . -6.37 -18.12 -6.05
C4 PEG AA . -6.47 -18.55 -4.61
O4 PEG AA . -7.51 -19.47 -4.45
H11 PEG AA . -3.39 -19.25 -5.50
H12 PEG AA . -3.19 -18.55 -6.90
HO1 PEG AA . -1.29 -18.52 -6.03
H21 PEG AA . -3.66 -16.49 -5.59
H22 PEG AA . -4.35 -17.46 -4.59
H31 PEG AA . -6.33 -18.93 -6.58
H32 PEG AA . -7.17 -17.64 -6.30
H41 PEG AA . -6.65 -17.76 -4.04
H42 PEG AA . -5.66 -18.98 -4.32
HO4 PEG AA . -8.24 -19.11 -4.65
C1 EDO BA . -0.51 -14.41 10.10
O1 EDO BA . -1.28 -14.38 8.88
C2 EDO BA . 0.07 -15.73 10.42
O2 EDO BA . 1.49 -15.92 10.24
H11 EDO BA . -1.09 -14.12 10.84
H12 EDO BA . 0.22 -13.76 10.02
HO1 EDO BA . -1.60 -13.66 8.66
H21 EDO BA . -0.38 -16.39 9.88
H22 EDO BA . -0.14 -15.93 11.36
HO2 EDO BA . 1.65 -16.06 9.41
C1 EDO CA . 19.69 -36.38 -18.80
O1 EDO CA . 19.33 -37.49 -19.59
C2 EDO CA . 20.26 -36.74 -17.48
O2 EDO CA . 20.56 -38.13 -17.33
H11 EDO CA . 18.89 -35.83 -18.65
H12 EDO CA . 20.35 -35.82 -19.28
HO1 EDO CA . 19.51 -37.00 -20.44
H21 EDO CA . 19.63 -36.47 -16.80
H22 EDO CA . 21.08 -36.22 -17.35
HO2 EDO CA . 19.85 -38.58 -17.44
#